data_8WX4
#
_entry.id   8WX4
#
_cell.length_a   1.00
_cell.length_b   1.00
_cell.length_c   1.00
_cell.angle_alpha   90.00
_cell.angle_beta   90.00
_cell.angle_gamma   90.00
#
_symmetry.space_group_name_H-M   'P 1'
#
loop_
_entity.id
_entity.type
_entity.pdbx_description
1 polymer 'Solute carrier family 15 member 4'
2 non-polymer LYSINE
3 non-polymer LEUCINE
#
_entity_poly.entity_id   1
_entity_poly.type   'polypeptide(L)'
_entity_poly.pdbx_seq_one_letter_code
;MEGSGGGAGERAPLLGARRAAAAAAAAGAFAGRRAACGAVLLTELLERAAFYGITSNLVLFLNGAPFCWEGAQASEALLL
FMGLTYLGSPFGGWLADARLGRARAILLSLALYLLGMLAFPLLAAPATRAALCGSARLLNCTAPGPDAAARCCSPATFAG
LVLVGLGVATVKANITPFGADQVKDRGPEATRRFFNWFYWSINLGAILSLGGIAYIQQNVSFVTGYAIPTVCVGLAFVVF
LCGQSVFITKPPDGSAFTDMFKILTYSCCSQKRSGERQSNGEGIGVFQQSSKQSLFDSCKMSHGGPFTEEKVEDVKALVK
IVPVFLALIPYWTVYFQMQTTYVLQSLHLRIPEISNITTTPHTLPAAWLTMFDAVLILLLIPLKDKLVDPILRRHGLLPS
SLKRIAVGMFFVMCSAFAAGILESKRLNLVKEKTINQTIGNVVYHAADLSLWWQVPQYLLIGISEIFASIAGLEFAYSAA
PKSMQSAIMGLFFFFSGVGSFVGSGLLALVSIKAIGWMSSHTDFGNINGCYLNYYFFLLAAIQGATLLLFLIISVKYDHH
RDHQRSRANGVPTSRRAGSIEGRIVKDYKDDDDKHHHHHH
;
_entity_poly.pdbx_strand_id   B,A
#
# COMPACT_ATOMS: atom_id res chain seq x y z
N ALA A 31 -23.51 -31.45 8.92
CA ALA A 31 -24.45 -30.71 9.76
C ALA A 31 -24.59 -31.38 11.13
N GLY A 32 -25.82 -31.47 11.62
CA GLY A 32 -26.13 -32.08 12.90
C GLY A 32 -26.08 -31.13 14.07
N ARG A 33 -25.11 -30.20 14.07
CA ARG A 33 -24.95 -29.23 15.14
C ARG A 33 -25.38 -27.83 14.70
N ARG A 34 -26.43 -27.72 13.90
CA ARG A 34 -26.85 -26.41 13.39
C ARG A 34 -27.53 -25.58 14.48
N ALA A 35 -28.21 -26.23 15.43
CA ALA A 35 -28.88 -25.49 16.49
C ALA A 35 -27.88 -24.87 17.47
N ALA A 36 -26.82 -25.62 17.80
CA ALA A 36 -25.81 -25.10 18.73
C ALA A 36 -25.09 -23.89 18.16
N CYS A 37 -25.02 -23.76 16.83
CA CYS A 37 -24.41 -22.58 16.23
C CYS A 37 -25.42 -21.44 16.11
N GLY A 38 -26.66 -21.76 15.75
CA GLY A 38 -27.67 -20.72 15.61
C GLY A 38 -28.00 -20.03 16.92
N ALA A 39 -28.01 -20.79 18.02
CA ALA A 39 -28.27 -20.19 19.33
C ALA A 39 -27.17 -19.21 19.70
N VAL A 40 -25.91 -19.57 19.48
CA VAL A 40 -24.81 -18.66 19.78
C VAL A 40 -24.85 -17.45 18.87
N LEU A 41 -25.21 -17.64 17.60
CA LEU A 41 -25.32 -16.51 16.68
C LEU A 41 -26.40 -15.54 17.13
N LEU A 42 -27.56 -16.05 17.54
CA LEU A 42 -28.63 -15.17 18.01
C LEU A 42 -28.25 -14.47 19.32
N THR A 43 -27.58 -15.18 20.22
CA THR A 43 -27.13 -14.56 21.47
C THR A 43 -26.16 -13.42 21.19
N GLU A 44 -25.18 -13.65 20.31
CA GLU A 44 -24.22 -12.61 19.97
C GLU A 44 -24.90 -11.45 19.26
N LEU A 45 -25.87 -11.75 18.39
CA LEU A 45 -26.61 -10.71 17.68
C LEU A 45 -27.31 -9.78 18.67
N LEU A 46 -28.06 -10.37 19.62
CA LEU A 46 -28.80 -9.55 20.58
C LEU A 46 -27.83 -8.80 21.51
N GLU A 47 -26.74 -9.44 21.91
CA GLU A 47 -25.78 -8.78 22.79
C GLU A 47 -25.15 -7.58 22.10
N ARG A 48 -24.71 -7.75 20.85
CA ARG A 48 -24.13 -6.63 20.12
C ARG A 48 -25.15 -5.54 19.84
N ALA A 49 -26.39 -5.91 19.56
CA ALA A 49 -27.44 -4.92 19.34
C ALA A 49 -27.64 -4.07 20.59
N ALA A 50 -27.76 -4.71 21.76
CA ALA A 50 -27.91 -3.95 22.99
C ALA A 50 -26.70 -3.09 23.28
N PHE A 51 -25.49 -3.65 23.10
CA PHE A 51 -24.27 -2.89 23.38
C PHE A 51 -24.18 -1.64 22.51
N TYR A 52 -24.49 -1.74 21.20
CA TYR A 52 -24.47 -0.62 20.18
C TYR A 52 -25.71 0.21 20.31
N GLY A 53 -26.64 -0.21 21.10
CA GLY A 53 -27.74 0.65 21.48
C GLY A 53 -27.39 1.56 22.63
N ILE A 54 -26.60 1.05 23.59
CA ILE A 54 -26.17 1.85 24.72
C ILE A 54 -25.08 2.85 24.35
N THR A 55 -24.35 2.62 23.25
CA THR A 55 -23.29 3.52 22.84
C THR A 55 -23.67 4.43 21.68
N SER A 56 -24.86 4.27 21.11
CA SER A 56 -25.27 5.11 19.98
C SER A 56 -25.76 6.47 20.44
N ASN A 57 -26.49 6.55 21.56
CA ASN A 57 -27.04 7.81 22.01
C ASN A 57 -26.79 8.05 23.51
N LEU A 58 -25.68 7.54 24.05
CA LEU A 58 -25.41 7.76 25.47
C LEU A 58 -25.03 9.20 25.74
N VAL A 59 -24.21 9.80 24.87
CA VAL A 59 -23.78 11.18 25.08
C VAL A 59 -24.97 12.13 25.01
N LEU A 60 -25.86 11.91 24.04
CA LEU A 60 -27.05 12.75 23.93
C LEU A 60 -28.01 12.53 25.09
N PHE A 61 -28.03 11.30 25.64
CA PHE A 61 -28.91 11.03 26.78
C PHE A 61 -28.40 11.71 28.05
N LEU A 62 -27.08 11.70 28.26
CA LEU A 62 -26.52 12.38 29.42
C LEU A 62 -26.70 13.89 29.34
N ASN A 63 -26.82 14.45 28.13
CA ASN A 63 -27.15 15.86 27.95
C ASN A 63 -28.66 15.95 27.74
N GLY A 64 -29.40 15.82 28.83
CA GLY A 64 -30.85 15.81 28.80
C GLY A 64 -31.41 16.08 30.19
N ALA A 65 -32.74 15.99 30.28
CA ALA A 65 -33.50 16.31 31.49
C ALA A 65 -32.94 15.66 32.76
N PRO A 66 -32.77 14.33 32.82
CA PRO A 66 -32.39 13.72 34.10
C PRO A 66 -30.99 14.05 34.56
N PHE A 67 -30.07 14.39 33.65
CA PHE A 67 -28.68 14.62 34.02
C PHE A 67 -28.24 16.07 33.76
N CYS A 68 -28.47 16.57 32.53
CA CYS A 68 -28.01 17.90 32.12
C CYS A 68 -26.49 18.04 32.30
N TRP A 69 -25.77 16.97 31.98
CA TRP A 69 -24.32 16.98 32.12
C TRP A 69 -23.68 17.82 31.02
N GLU A 70 -22.42 18.17 31.24
CA GLU A 70 -21.65 18.87 30.22
C GLU A 70 -21.08 17.88 29.20
N GLY A 71 -20.59 18.41 28.09
CA GLY A 71 -20.07 17.57 27.04
C GLY A 71 -18.84 16.78 27.45
N ALA A 72 -17.97 17.41 28.25
CA ALA A 72 -16.73 16.75 28.67
C ALA A 72 -17.03 15.52 29.51
N GLN A 73 -17.87 15.67 30.55
CA GLN A 73 -18.21 14.53 31.39
C GLN A 73 -19.05 13.50 30.63
N ALA A 74 -19.90 13.96 29.71
CA ALA A 74 -20.69 13.02 28.92
C ALA A 74 -19.80 12.13 28.05
N SER A 75 -18.76 12.72 27.45
CA SER A 75 -17.82 11.91 26.68
C SER A 75 -16.94 11.06 27.58
N GLU A 76 -16.57 11.57 28.76
CA GLU A 76 -15.76 10.80 29.69
C GLU A 76 -16.50 9.57 30.18
N ALA A 77 -17.83 9.66 30.31
CA ALA A 77 -18.62 8.52 30.74
C ALA A 77 -18.53 7.37 29.73
N LEU A 78 -18.71 7.68 28.44
CA LEU A 78 -18.58 6.65 27.42
C LEU A 78 -17.16 6.15 27.31
N LEU A 79 -16.18 7.03 27.49
CA LEU A 79 -14.78 6.60 27.46
C LEU A 79 -14.48 5.61 28.58
N LEU A 80 -14.94 5.92 29.80
CA LEU A 80 -14.74 5.00 30.91
C LEU A 80 -15.53 3.71 30.72
N PHE A 81 -16.71 3.79 30.10
CA PHE A 81 -17.49 2.60 29.80
C PHE A 81 -16.72 1.66 28.89
N MET A 82 -16.23 2.17 27.75
CA MET A 82 -15.44 1.34 26.84
C MET A 82 -14.13 0.89 27.48
N GLY A 83 -13.52 1.72 28.33
CA GLY A 83 -12.31 1.33 29.01
C GLY A 83 -12.51 0.16 29.96
N LEU A 84 -13.62 0.19 30.70
CA LEU A 84 -13.94 -0.94 31.57
C LEU A 84 -14.29 -2.18 30.75
N THR A 85 -14.93 -1.98 29.60
CA THR A 85 -15.25 -3.08 28.70
C THR A 85 -13.97 -3.75 28.20
N TYR A 86 -12.96 -2.95 27.85
CA TYR A 86 -11.73 -3.51 27.30
C TYR A 86 -10.86 -4.11 28.40
N LEU A 87 -10.73 -3.41 29.53
CA LEU A 87 -9.88 -3.88 30.62
C LEU A 87 -10.47 -5.10 31.30
N GLY A 88 -11.79 -5.16 31.41
CA GLY A 88 -12.46 -6.27 32.06
C GLY A 88 -12.45 -7.56 31.28
N SER A 89 -12.34 -7.46 29.95
CA SER A 89 -12.42 -8.59 29.04
C SER A 89 -11.48 -9.74 29.40
N PRO A 90 -10.17 -9.49 29.66
CA PRO A 90 -9.29 -10.61 30.05
C PRO A 90 -9.74 -11.29 31.33
N PHE A 91 -10.11 -10.50 32.34
CA PHE A 91 -10.57 -11.04 33.62
C PHE A 91 -11.78 -11.93 33.43
N GLY A 92 -12.64 -11.59 32.47
CA GLY A 92 -13.75 -12.47 32.15
C GLY A 92 -13.31 -13.81 31.62
N GLY A 93 -12.24 -13.82 30.81
CA GLY A 93 -11.70 -15.07 30.33
C GLY A 93 -11.09 -15.91 31.44
N TRP A 94 -10.39 -15.25 32.37
CA TRP A 94 -9.85 -15.97 33.52
C TRP A 94 -10.96 -16.54 34.39
N LEU A 95 -12.08 -15.81 34.52
CA LEU A 95 -13.22 -16.34 35.26
C LEU A 95 -13.84 -17.53 34.55
N ALA A 96 -13.94 -17.46 33.21
CA ALA A 96 -14.51 -18.56 32.44
C ALA A 96 -13.57 -19.75 32.31
N ASP A 97 -12.29 -19.60 32.62
CA ASP A 97 -11.33 -20.69 32.52
C ASP A 97 -10.97 -21.31 33.86
N ALA A 98 -10.64 -20.50 34.86
CA ALA A 98 -10.15 -21.03 36.13
C ALA A 98 -11.26 -21.43 37.09
N ARG A 99 -12.37 -20.71 37.11
CA ARG A 99 -13.44 -20.95 38.08
C ARG A 99 -14.68 -21.54 37.42
N LEU A 100 -15.23 -20.88 36.40
CA LEU A 100 -16.45 -21.31 35.76
C LEU A 100 -16.15 -22.11 34.49
N GLY A 101 -17.21 -22.62 33.88
CA GLY A 101 -17.06 -23.52 32.74
C GLY A 101 -17.29 -22.87 31.39
N ARG A 102 -17.21 -21.54 31.34
CA ARG A 102 -17.28 -20.76 30.11
C ARG A 102 -18.71 -20.75 29.54
N ALA A 103 -19.61 -21.54 30.16
CA ALA A 103 -21.02 -21.45 29.81
C ALA A 103 -21.81 -20.84 30.96
N ARG A 104 -21.61 -21.36 32.18
CA ARG A 104 -22.14 -20.70 33.36
C ARG A 104 -21.54 -19.29 33.50
N ALA A 105 -20.31 -19.11 33.03
CA ALA A 105 -19.73 -17.77 33.02
C ALA A 105 -20.49 -16.83 32.10
N ILE A 106 -20.85 -17.30 30.90
CA ILE A 106 -21.63 -16.49 29.98
C ILE A 106 -23.00 -16.19 30.58
N LEU A 107 -23.61 -17.18 31.23
CA LEU A 107 -24.93 -16.97 31.83
C LEU A 107 -24.86 -15.95 32.96
N LEU A 108 -23.84 -16.06 33.83
CA LEU A 108 -23.70 -15.11 34.92
C LEU A 108 -23.40 -13.71 34.41
N SER A 109 -22.56 -13.60 33.38
CA SER A 109 -22.26 -12.30 32.81
C SER A 109 -23.49 -11.68 32.15
N LEU A 110 -24.31 -12.51 31.49
CA LEU A 110 -25.54 -12.01 30.90
C LEU A 110 -26.53 -11.59 31.97
N ALA A 111 -26.53 -12.28 33.11
CA ALA A 111 -27.39 -11.87 34.23
C ALA A 111 -26.96 -10.51 34.77
N LEU A 112 -25.66 -10.34 35.02
CA LEU A 112 -25.16 -9.03 35.46
C LEU A 112 -25.38 -7.97 34.40
N TYR A 113 -25.36 -8.37 33.12
CA TYR A 113 -25.63 -7.44 32.03
C TYR A 113 -27.07 -6.96 32.06
N LEU A 114 -28.02 -7.90 32.20
CA LEU A 114 -29.43 -7.54 32.25
C LEU A 114 -29.76 -6.72 33.50
N LEU A 115 -29.10 -7.01 34.62
CA LEU A 115 -29.36 -6.27 35.83
C LEU A 115 -28.94 -4.81 35.70
N GLY A 116 -27.85 -4.56 34.98
CA GLY A 116 -27.41 -3.19 34.75
C GLY A 116 -28.08 -2.50 33.60
N MET A 117 -28.83 -3.24 32.78
CA MET A 117 -29.52 -2.64 31.63
C MET A 117 -30.79 -1.92 32.03
N LEU A 118 -31.44 -2.34 33.12
CA LEU A 118 -32.69 -1.72 33.52
C LEU A 118 -32.52 -0.28 34.00
N ALA A 119 -31.30 0.11 34.36
CA ALA A 119 -31.08 1.45 34.94
C ALA A 119 -31.47 2.54 33.97
N PHE A 120 -31.18 2.37 32.67
CA PHE A 120 -31.48 3.43 31.71
C PHE A 120 -32.97 3.60 31.47
N PRO A 121 -33.76 2.55 31.22
CA PRO A 121 -35.21 2.75 31.13
C PRO A 121 -35.83 3.22 32.45
N LEU A 122 -35.28 2.78 33.58
CA LEU A 122 -35.80 3.22 34.87
C LEU A 122 -35.53 4.71 35.09
N LEU A 123 -34.41 5.20 34.57
CA LEU A 123 -34.09 6.62 34.70
C LEU A 123 -34.88 7.45 33.72
N ALA A 124 -35.11 6.93 32.50
CA ALA A 124 -35.86 7.67 31.50
C ALA A 124 -37.35 7.74 31.82
N ALA A 125 -37.87 6.80 32.61
CA ALA A 125 -39.28 6.83 32.96
C ALA A 125 -39.52 7.81 34.10
N PRO A 126 -40.45 8.75 33.96
CA PRO A 126 -40.71 9.71 35.04
C PRO A 126 -41.26 9.06 36.30
N ALA A 127 -41.90 7.89 36.18
CA ALA A 127 -42.47 7.24 37.36
C ALA A 127 -41.39 6.62 38.24
N THR A 128 -40.28 6.19 37.64
CA THR A 128 -39.20 5.56 38.39
C THR A 128 -37.97 6.44 38.54
N ARG A 129 -37.91 7.59 37.85
CA ARG A 129 -36.82 8.52 38.05
C ARG A 129 -36.80 9.03 39.49
N ALA A 130 -37.97 9.13 40.11
CA ALA A 130 -38.04 9.49 41.52
C ALA A 130 -37.56 8.35 42.40
N ALA A 131 -37.72 7.11 41.93
CA ALA A 131 -37.27 5.96 42.72
C ALA A 131 -35.76 5.81 42.67
N LEU A 132 -35.15 6.14 41.53
CA LEU A 132 -33.71 5.98 41.37
C LEU A 132 -32.93 6.87 42.34
N CYS A 133 -33.06 8.19 42.19
CA CYS A 133 -32.44 9.14 43.09
C CYS A 133 -33.24 10.44 43.07
N GLY A 134 -33.55 10.96 44.26
CA GLY A 134 -34.36 12.15 44.42
C GLY A 134 -35.54 12.18 43.49
N SER A 135 -35.71 13.29 42.77
CA SER A 135 -36.60 13.34 41.61
C SER A 135 -36.17 14.50 40.72
N ALA A 136 -35.43 14.19 39.65
CA ALA A 136 -34.75 15.21 38.84
C ALA A 136 -35.67 16.35 38.43
N ARG A 137 -35.36 17.57 38.92
CA ARG A 137 -36.21 18.71 38.64
C ARG A 137 -35.75 19.43 37.37
N LEU A 138 -34.44 19.50 37.14
CA LEU A 138 -33.87 20.20 35.98
C LEU A 138 -34.47 19.70 34.68
N LEU A 139 -35.14 20.59 33.95
CA LEU A 139 -35.79 20.22 32.69
C LEU A 139 -35.07 20.96 31.58
N ASN A 140 -34.93 22.28 31.65
CA ASN A 140 -34.29 23.04 30.59
C ASN A 140 -32.79 23.19 30.84
N CYS A 141 -32.27 22.43 31.81
CA CYS A 141 -30.85 22.48 32.17
C CYS A 141 -30.42 23.89 32.55
N THR A 142 -31.27 24.58 33.31
CA THR A 142 -30.96 25.94 33.73
C THR A 142 -29.86 25.97 34.78
N ALA A 143 -29.78 24.95 35.62
CA ALA A 143 -28.75 24.89 36.65
C ALA A 143 -28.43 23.44 37.01
N ALA A 150 -21.06 17.93 39.98
CA ALA A 150 -22.40 18.37 39.65
C ALA A 150 -23.09 17.36 38.74
N ARG A 151 -23.48 16.22 39.32
CA ARG A 151 -24.14 15.15 38.58
C ARG A 151 -25.35 14.67 39.37
N CYS A 152 -26.46 14.47 38.67
CA CYS A 152 -27.70 13.97 39.27
C CYS A 152 -27.82 12.48 38.97
N CYS A 153 -28.21 11.71 40.00
CA CYS A 153 -28.31 10.25 39.90
C CYS A 153 -26.99 9.65 39.43
N SER A 154 -25.89 10.24 39.89
CA SER A 154 -24.56 9.76 39.48
C SER A 154 -24.29 8.32 39.89
N PRO A 155 -24.52 7.89 41.14
CA PRO A 155 -24.24 6.49 41.48
C PRO A 155 -25.07 5.50 40.67
N ALA A 156 -26.32 5.84 40.36
CA ALA A 156 -27.17 4.92 39.60
C ALA A 156 -26.63 4.69 38.19
N THR A 157 -26.38 5.78 37.45
CA THR A 157 -25.90 5.63 36.08
C THR A 157 -24.48 5.07 36.05
N PHE A 158 -23.67 5.39 37.06
CA PHE A 158 -22.30 4.87 37.09
C PHE A 158 -22.30 3.37 37.37
N ALA A 159 -23.13 2.92 38.31
CA ALA A 159 -23.24 1.49 38.56
C ALA A 159 -23.80 0.76 37.36
N GLY A 160 -24.79 1.35 36.69
CA GLY A 160 -25.32 0.74 35.47
C GLY A 160 -24.27 0.61 34.39
N LEU A 161 -23.51 1.68 34.14
CA LEU A 161 -22.46 1.65 33.14
C LEU A 161 -21.38 0.63 33.51
N VAL A 162 -21.00 0.56 34.78
CA VAL A 162 -19.97 -0.36 35.21
C VAL A 162 -20.42 -1.81 35.00
N LEU A 163 -21.66 -2.12 35.43
CA LEU A 163 -22.16 -3.48 35.29
C LEU A 163 -22.35 -3.86 33.83
N VAL A 164 -22.84 -2.93 33.01
CA VAL A 164 -23.02 -3.22 31.59
C VAL A 164 -21.68 -3.44 30.92
N GLY A 165 -20.68 -2.63 31.26
CA GLY A 165 -19.36 -2.81 30.68
C GLY A 165 -18.72 -4.12 31.09
N LEU A 166 -18.84 -4.50 32.36
CA LEU A 166 -18.30 -5.76 32.82
C LEU A 166 -19.02 -6.94 32.16
N GLY A 167 -20.33 -6.81 31.96
CA GLY A 167 -21.07 -7.87 31.28
C GLY A 167 -20.64 -8.04 29.84
N VAL A 168 -20.49 -6.93 29.11
CA VAL A 168 -20.02 -7.01 27.73
C VAL A 168 -18.60 -7.56 27.69
N ALA A 169 -17.77 -7.17 28.66
CA ALA A 169 -16.39 -7.65 28.71
C ALA A 169 -16.34 -9.16 28.90
N THR A 170 -17.13 -9.69 29.84
CA THR A 170 -17.11 -11.12 30.10
C THR A 170 -17.80 -11.90 29.00
N VAL A 171 -18.75 -11.28 28.30
CA VAL A 171 -19.42 -11.99 27.21
C VAL A 171 -18.54 -12.07 25.98
N LYS A 172 -17.98 -10.94 25.52
CA LYS A 172 -17.22 -10.93 24.27
C LYS A 172 -15.98 -11.81 24.34
N ALA A 173 -15.38 -11.97 25.51
CA ALA A 173 -14.18 -12.79 25.64
C ALA A 173 -14.52 -14.27 25.74
N ASN A 174 -15.78 -14.62 26.02
CA ASN A 174 -16.18 -16.00 26.19
C ASN A 174 -17.18 -16.49 25.15
N ILE A 175 -17.74 -15.60 24.33
CA ILE A 175 -18.75 -16.02 23.37
C ILE A 175 -18.13 -16.50 22.06
N THR A 176 -16.94 -16.00 21.70
CA THR A 176 -16.30 -16.44 20.47
C THR A 176 -15.61 -17.79 20.62
N PRO A 177 -14.89 -18.08 21.72
CA PRO A 177 -14.29 -19.42 21.81
C PRO A 177 -15.33 -20.50 22.10
N PHE A 178 -16.32 -20.21 22.95
CA PHE A 178 -17.38 -21.17 23.21
C PHE A 178 -18.22 -21.41 21.96
N GLY A 179 -18.43 -20.36 21.16
CA GLY A 179 -19.16 -20.53 19.92
C GLY A 179 -18.36 -21.32 18.88
N ALA A 180 -17.05 -21.06 18.80
CA ALA A 180 -16.22 -21.80 17.86
C ALA A 180 -15.96 -23.23 18.31
N ASP A 181 -16.21 -23.55 19.58
CA ASP A 181 -16.01 -24.91 20.05
C ASP A 181 -17.09 -25.86 19.55
N GLN A 182 -18.20 -25.34 19.03
CA GLN A 182 -19.26 -26.20 18.53
C GLN A 182 -18.84 -26.91 17.23
N VAL A 183 -17.94 -26.30 16.47
CA VAL A 183 -17.46 -26.88 15.22
C VAL A 183 -15.95 -27.04 15.22
N LYS A 184 -15.35 -27.22 16.40
CA LYS A 184 -13.90 -27.33 16.49
C LYS A 184 -13.41 -28.71 16.03
N ASP A 185 -14.27 -29.72 16.09
CA ASP A 185 -13.89 -31.09 15.74
C ASP A 185 -14.07 -31.37 14.25
N ARG A 186 -14.16 -30.34 13.42
CA ARG A 186 -14.31 -30.51 11.98
C ARG A 186 -13.15 -29.92 11.17
N GLY A 187 -12.20 -29.26 11.82
CA GLY A 187 -11.09 -28.66 11.13
C GLY A 187 -11.10 -27.15 11.21
N PRO A 188 -9.98 -26.51 10.87
CA PRO A 188 -9.93 -25.04 10.90
C PRO A 188 -10.87 -24.38 9.91
N GLU A 189 -11.18 -25.05 8.80
CA GLU A 189 -12.09 -24.46 7.82
C GLU A 189 -13.50 -24.30 8.40
N ALA A 190 -13.91 -25.23 9.28
CA ALA A 190 -15.21 -25.10 9.92
C ALA A 190 -15.23 -23.91 10.87
N THR A 191 -14.14 -23.70 11.61
CA THR A 191 -14.07 -22.56 12.52
C THR A 191 -14.07 -21.25 11.74
N ARG A 192 -13.39 -21.22 10.60
CA ARG A 192 -13.39 -20.01 9.77
C ARG A 192 -14.76 -19.74 9.18
N ARG A 193 -15.43 -20.79 8.69
CA ARG A 193 -16.77 -20.63 8.15
C ARG A 193 -17.76 -20.18 9.23
N PHE A 194 -17.57 -20.67 10.46
CA PHE A 194 -18.44 -20.24 11.55
C PHE A 194 -18.15 -18.79 11.94
N PHE A 195 -16.87 -18.40 11.96
CA PHE A 195 -16.52 -17.03 12.31
C PHE A 195 -17.02 -16.04 11.27
N ASN A 196 -17.12 -16.47 10.01
CA ASN A 196 -17.69 -15.62 8.97
C ASN A 196 -19.12 -15.22 9.34
N TRP A 197 -19.98 -16.21 9.57
CA TRP A 197 -21.37 -15.91 9.95
C TRP A 197 -21.46 -15.29 11.34
N PHE A 198 -20.47 -15.53 12.20
CA PHE A 198 -20.44 -14.86 13.50
C PHE A 198 -20.27 -13.35 13.33
N TYR A 199 -19.29 -12.95 12.53
CA TYR A 199 -19.12 -11.54 12.20
C TYR A 199 -20.34 -11.00 11.48
N TRP A 200 -20.96 -11.80 10.62
CA TRP A 200 -22.15 -11.37 9.92
C TRP A 200 -23.30 -11.10 10.88
N SER A 201 -23.48 -11.96 11.87
CA SER A 201 -24.52 -11.74 12.88
C SER A 201 -24.20 -10.53 13.74
N ILE A 202 -22.96 -10.32 14.15
CA ILE A 202 -22.51 -9.14 14.93
C ILE A 202 -22.91 -7.87 14.19
N ASN A 203 -22.62 -7.72 12.89
CA ASN A 203 -23.02 -6.56 12.04
C ASN A 203 -24.36 -6.79 11.36
N LEU A 204 -25.38 -7.36 11.97
CA LEU A 204 -26.78 -7.46 11.50
C LEU A 204 -27.44 -7.07 12.80
N GLY A 205 -26.87 -7.47 13.91
CA GLY A 205 -27.38 -6.88 15.14
C GLY A 205 -27.01 -5.41 15.28
N ALA A 206 -25.80 -5.05 14.83
CA ALA A 206 -25.39 -3.66 14.87
C ALA A 206 -26.28 -2.79 13.98
N ILE A 207 -26.65 -3.31 12.81
CA ILE A 207 -27.54 -2.56 11.91
C ILE A 207 -28.93 -2.46 12.51
N LEU A 208 -29.44 -3.56 13.08
CA LEU A 208 -30.77 -3.53 13.69
C LEU A 208 -30.82 -2.60 14.88
N SER A 209 -29.68 -2.37 15.55
CA SER A 209 -29.65 -1.46 16.68
C SER A 209 -29.49 -0.01 16.23
N LEU A 210 -28.46 0.27 15.44
CA LEU A 210 -28.20 1.64 14.99
C LEU A 210 -29.30 2.16 14.09
N GLY A 211 -29.95 1.28 13.32
CA GLY A 211 -30.99 1.70 12.40
C GLY A 211 -32.34 1.87 13.05
N GLY A 212 -32.74 0.88 13.85
CA GLY A 212 -34.07 0.89 14.45
C GLY A 212 -34.12 1.48 15.85
N ILE A 213 -33.23 1.02 16.73
CA ILE A 213 -33.29 1.43 18.13
C ILE A 213 -32.87 2.89 18.28
N ALA A 214 -31.80 3.29 17.58
CA ALA A 214 -31.33 4.66 17.71
C ALA A 214 -32.31 5.66 17.13
N TYR A 215 -32.96 5.32 16.02
CA TYR A 215 -33.99 6.19 15.48
C TYR A 215 -35.16 6.35 16.44
N ILE A 216 -35.45 5.30 17.21
CA ILE A 216 -36.50 5.39 18.22
C ILE A 216 -36.04 6.26 19.38
N GLN A 217 -34.76 6.18 19.74
CA GLN A 217 -34.24 6.99 20.84
C GLN A 217 -34.10 8.45 20.44
N GLN A 218 -34.05 8.75 19.14
CA GLN A 218 -33.78 10.12 18.70
C GLN A 218 -35.05 10.93 18.50
N ASN A 219 -36.10 10.34 17.92
CA ASN A 219 -37.27 11.11 17.49
C ASN A 219 -38.54 10.77 18.25
N VAL A 220 -38.74 9.51 18.64
CA VAL A 220 -39.99 9.11 19.27
C VAL A 220 -39.69 8.74 20.72
N SER A 221 -40.72 8.31 21.46
CA SER A 221 -40.64 8.03 22.89
C SER A 221 -39.32 7.36 23.28
N PHE A 222 -38.70 7.90 24.32
CA PHE A 222 -37.35 7.51 24.72
C PHE A 222 -37.32 6.34 25.70
N VAL A 223 -38.35 6.21 26.54
CA VAL A 223 -38.40 5.12 27.51
C VAL A 223 -38.39 3.78 26.79
N THR A 224 -39.25 3.61 25.78
CA THR A 224 -39.19 2.41 24.96
C THR A 224 -37.89 2.33 24.18
N GLY A 225 -37.31 3.48 23.83
CA GLY A 225 -36.05 3.48 23.13
C GLY A 225 -34.94 2.79 23.89
N TYR A 226 -34.92 2.97 25.22
CA TYR A 226 -33.98 2.25 26.06
C TYR A 226 -34.51 0.91 26.56
N ALA A 227 -35.82 0.70 26.51
CA ALA A 227 -36.38 -0.58 26.96
C ALA A 227 -36.20 -1.68 25.93
N ILE A 228 -36.11 -1.31 24.65
CA ILE A 228 -35.90 -2.32 23.61
C ILE A 228 -34.59 -3.07 23.78
N PRO A 229 -33.44 -2.41 24.00
CA PRO A 229 -32.21 -3.19 24.24
C PRO A 229 -32.28 -4.07 25.47
N THR A 230 -33.00 -3.66 26.52
CA THR A 230 -33.16 -4.50 27.69
C THR A 230 -33.95 -5.77 27.35
N VAL A 231 -35.00 -5.63 26.53
CA VAL A 231 -35.73 -6.78 26.05
C VAL A 231 -34.82 -7.68 25.23
N CYS A 232 -33.93 -7.07 24.44
CA CYS A 232 -32.97 -7.86 23.67
C CYS A 232 -32.04 -8.66 24.57
N VAL A 233 -31.59 -8.04 25.67
CA VAL A 233 -30.71 -8.74 26.62
C VAL A 233 -31.45 -9.90 27.26
N GLY A 234 -32.70 -9.67 27.67
CA GLY A 234 -33.49 -10.75 28.26
C GLY A 234 -33.72 -11.89 27.28
N LEU A 235 -34.01 -11.56 26.02
CA LEU A 235 -34.20 -12.59 25.01
C LEU A 235 -32.90 -13.36 24.74
N ALA A 236 -31.76 -12.67 24.78
CA ALA A 236 -30.48 -13.34 24.60
C ALA A 236 -30.21 -14.31 25.74
N PHE A 237 -30.50 -13.88 26.98
CA PHE A 237 -30.33 -14.77 28.13
C PHE A 237 -31.23 -15.99 28.01
N VAL A 238 -32.50 -15.78 27.63
CA VAL A 238 -33.41 -16.90 27.49
C VAL A 238 -32.95 -17.85 26.38
N VAL A 239 -32.48 -17.29 25.27
CA VAL A 239 -32.03 -18.11 24.15
C VAL A 239 -30.81 -18.94 24.55
N PHE A 240 -29.87 -18.34 25.27
CA PHE A 240 -28.70 -19.09 25.73
C PHE A 240 -29.10 -20.17 26.71
N LEU A 241 -30.06 -19.88 27.60
CA LEU A 241 -30.49 -20.87 28.57
C LEU A 241 -31.16 -22.06 27.89
N CYS A 242 -31.97 -21.80 26.85
CA CYS A 242 -32.59 -22.90 26.13
C CYS A 242 -31.57 -23.67 25.29
N GLY A 243 -30.60 -22.96 24.72
CA GLY A 243 -29.57 -23.61 23.93
C GLY A 243 -28.50 -24.32 24.73
N GLN A 244 -28.50 -24.14 26.05
CA GLN A 244 -27.53 -24.84 26.90
C GLN A 244 -27.70 -26.35 26.84
N SER A 245 -28.88 -26.85 26.49
CA SER A 245 -29.13 -28.27 26.44
C SER A 245 -28.49 -28.96 25.24
N VAL A 246 -28.03 -28.20 24.25
CA VAL A 246 -27.38 -28.77 23.08
C VAL A 246 -25.95 -28.29 22.91
N PHE A 247 -25.46 -27.42 23.78
CA PHE A 247 -24.09 -26.93 23.67
C PHE A 247 -23.11 -27.98 24.18
N ILE A 248 -21.93 -28.03 23.55
CA ILE A 248 -20.84 -28.89 23.99
C ILE A 248 -19.92 -28.05 24.86
N THR A 249 -19.96 -28.26 26.17
CA THR A 249 -19.19 -27.47 27.11
C THR A 249 -17.90 -28.19 27.49
N LYS A 250 -17.05 -27.48 28.21
CA LYS A 250 -15.77 -28.00 28.68
C LYS A 250 -15.64 -27.76 30.17
N PRO A 251 -15.20 -28.78 30.92
CA PRO A 251 -15.06 -28.61 32.37
C PRO A 251 -13.98 -27.61 32.71
N PRO A 252 -14.14 -26.86 33.79
CA PRO A 252 -13.14 -25.84 34.15
C PRO A 252 -11.82 -26.46 34.55
N ASP A 253 -10.74 -25.71 34.31
CA ASP A 253 -9.38 -26.12 34.65
C ASP A 253 -8.80 -25.06 35.58
N GLY A 254 -8.90 -25.30 36.88
CA GLY A 254 -8.44 -24.31 37.85
C GLY A 254 -6.93 -24.31 38.00
N SER A 255 -6.30 -25.47 37.87
CA SER A 255 -4.85 -25.59 38.03
C SER A 255 -4.17 -25.45 36.68
N ALA A 256 -4.39 -24.30 36.05
CA ALA A 256 -3.81 -24.00 34.75
C ALA A 256 -3.05 -22.68 34.79
N PHE A 257 -3.58 -21.70 35.53
CA PHE A 257 -2.93 -20.40 35.65
C PHE A 257 -1.92 -20.36 36.77
N THR A 258 -2.07 -21.20 37.79
CA THR A 258 -1.09 -21.24 38.87
C THR A 258 0.24 -21.82 38.41
N ASP A 259 0.27 -22.50 37.25
CA ASP A 259 1.49 -23.09 36.73
C ASP A 259 2.17 -22.22 35.68
N MET A 260 2.03 -20.90 35.78
CA MET A 260 2.72 -19.97 34.88
C MET A 260 4.08 -19.62 35.47
N PHE A 261 4.95 -20.63 35.51
CA PHE A 261 6.27 -20.46 36.09
C PHE A 261 7.11 -19.48 35.28
N LYS A 262 7.85 -18.63 35.97
CA LYS A 262 8.68 -17.62 35.34
C LYS A 262 10.10 -17.63 35.91
N ILE A 263 10.47 -18.70 36.60
CA ILE A 263 11.82 -18.90 37.10
C ILE A 263 12.39 -20.16 36.44
N LEU A 264 13.47 -20.00 35.69
CA LEU A 264 14.09 -21.11 34.98
C LEU A 264 15.60 -21.01 35.03
N PHE A 307 8.26 -30.12 37.27
CA PHE A 307 8.51 -30.03 35.84
C PHE A 307 7.54 -30.92 35.07
N THR A 308 6.25 -30.71 35.31
CA THR A 308 5.21 -31.51 34.65
C THR A 308 5.16 -31.11 33.17
N GLU A 309 4.71 -32.02 32.30
CA GLU A 309 4.69 -31.80 30.86
C GLU A 309 3.33 -31.27 30.46
N GLU A 310 3.28 -30.68 29.25
CA GLU A 310 2.09 -30.09 28.64
C GLU A 310 1.73 -28.77 29.31
N LYS A 311 2.45 -28.42 30.38
CA LYS A 311 2.31 -27.11 31.00
C LYS A 311 3.46 -26.18 30.63
N VAL A 312 4.58 -26.73 30.14
CA VAL A 312 5.62 -25.89 29.55
C VAL A 312 5.18 -25.40 28.18
N GLU A 313 4.49 -26.25 27.41
CA GLU A 313 4.05 -25.86 26.08
C GLU A 313 3.00 -24.77 26.14
N ASP A 314 2.20 -24.74 27.21
CA ASP A 314 1.19 -23.70 27.37
C ASP A 314 1.81 -22.32 27.59
N VAL A 315 3.05 -22.26 28.08
CA VAL A 315 3.75 -20.99 28.22
C VAL A 315 4.54 -20.65 26.96
N LYS A 316 5.09 -21.67 26.30
CA LYS A 316 5.80 -21.43 25.05
C LYS A 316 4.87 -20.96 23.95
N ALA A 317 3.64 -21.45 23.93
CA ALA A 317 2.63 -21.00 22.98
C ALA A 317 1.95 -19.71 23.40
N LEU A 318 2.28 -19.18 24.56
CA LEU A 318 1.72 -17.93 25.06
C LEU A 318 2.69 -16.76 24.91
N VAL A 319 3.99 -16.99 25.16
CA VAL A 319 4.96 -15.92 25.04
C VAL A 319 5.28 -15.62 23.58
N LYS A 320 4.90 -16.53 22.67
CA LYS A 320 5.17 -16.33 21.25
C LYS A 320 4.08 -15.54 20.54
N ILE A 321 2.86 -15.48 21.11
CA ILE A 321 1.77 -14.72 20.49
C ILE A 321 1.68 -13.30 21.02
N VAL A 322 2.53 -12.91 21.97
CA VAL A 322 2.50 -11.54 22.48
C VAL A 322 2.99 -10.52 21.46
N PRO A 323 4.12 -10.73 20.77
CA PRO A 323 4.54 -9.71 19.79
C PRO A 323 3.55 -9.52 18.65
N VAL A 324 2.78 -10.54 18.30
CA VAL A 324 1.76 -10.39 17.26
C VAL A 324 0.71 -9.38 17.70
N PHE A 325 0.23 -9.50 18.94
CA PHE A 325 -0.74 -8.54 19.46
C PHE A 325 -0.11 -7.17 19.64
N LEU A 326 1.16 -7.12 20.03
CA LEU A 326 1.84 -5.84 20.19
C LEU A 326 1.94 -5.10 18.85
N ALA A 327 2.20 -5.84 17.77
CA ALA A 327 2.23 -5.22 16.45
C ALA A 327 0.84 -4.96 15.90
N LEU A 328 -0.18 -5.66 16.40
CA LEU A 328 -1.55 -5.37 16.00
C LEU A 328 -2.13 -4.16 16.73
N ILE A 329 -1.54 -3.77 17.86
CA ILE A 329 -2.03 -2.58 18.58
C ILE A 329 -2.12 -1.35 17.69
N PRO A 330 -1.09 -0.96 16.94
CA PRO A 330 -1.25 0.23 16.08
C PRO A 330 -2.24 0.03 14.96
N TYR A 331 -2.47 -1.21 14.52
CA TYR A 331 -3.55 -1.47 13.57
C TYR A 331 -4.90 -1.12 14.17
N TRP A 332 -5.13 -1.49 15.43
CA TRP A 332 -6.35 -1.09 16.12
C TRP A 332 -6.42 0.42 16.28
N THR A 333 -5.28 1.06 16.56
CA THR A 333 -5.21 2.52 16.64
C THR A 333 -5.71 3.16 15.34
N VAL A 334 -5.13 2.74 14.22
CA VAL A 334 -5.49 3.32 12.93
C VAL A 334 -6.95 3.04 12.61
N TYR A 335 -7.50 1.85 12.77
CA TYR A 335 -8.92 1.51 12.48
C TYR A 335 -9.93 2.12 13.43
N PHE A 336 -9.57 2.38 14.67
CA PHE A 336 -10.50 3.10 15.52
C PHE A 336 -10.53 4.59 15.19
N GLN A 337 -9.36 5.20 14.95
CA GLN A 337 -9.34 6.59 14.54
C GLN A 337 -10.02 6.78 13.19
N MET A 338 -9.89 5.79 12.30
CA MET A 338 -10.58 5.85 11.02
C MET A 338 -12.09 5.75 11.21
N GLN A 339 -12.55 4.86 12.10
CA GLN A 339 -13.98 4.72 12.35
C GLN A 339 -14.56 6.01 12.93
N THR A 340 -13.79 6.73 13.76
CA THR A 340 -14.28 8.00 14.28
C THR A 340 -14.29 9.08 13.20
N THR A 341 -13.15 9.29 12.53
CA THR A 341 -13.02 10.36 11.56
C THR A 341 -13.84 10.13 10.29
N TYR A 342 -14.18 8.89 9.96
CA TYR A 342 -15.02 8.65 8.79
C TYR A 342 -16.43 9.16 9.01
N VAL A 343 -17.00 8.86 10.19
CA VAL A 343 -18.32 9.40 10.53
C VAL A 343 -18.25 10.90 10.69
N LEU A 344 -17.15 11.40 11.27
CA LEU A 344 -16.98 12.85 11.42
C LEU A 344 -16.97 13.55 10.06
N GLN A 345 -16.31 12.95 9.07
CA GLN A 345 -16.29 13.52 7.73
C GLN A 345 -17.64 13.35 7.04
N SER A 346 -18.30 12.22 7.28
CA SER A 346 -19.62 11.99 6.70
C SER A 346 -20.63 13.01 7.23
N LEU A 347 -20.41 13.54 8.42
CA LEU A 347 -21.28 14.59 8.94
C LEU A 347 -21.17 15.89 8.14
N HIS A 348 -20.07 16.07 7.39
CA HIS A 348 -19.83 17.29 6.63
C HIS A 348 -20.01 17.09 5.13
N LEU A 349 -20.84 16.13 4.73
CA LEU A 349 -21.14 15.90 3.32
C LEU A 349 -22.64 16.09 3.09
N ARG A 350 -23.01 16.21 1.81
CA ARG A 350 -24.41 16.38 1.45
C ARG A 350 -25.15 15.07 1.62
N ILE A 351 -26.04 15.02 2.60
CA ILE A 351 -26.83 13.83 2.91
C ILE A 351 -28.24 14.05 2.37
N PRO A 352 -28.77 13.16 1.54
CA PRO A 352 -30.13 13.35 1.03
C PRO A 352 -31.17 13.16 2.12
N GLU A 353 -32.29 13.86 1.96
CA GLU A 353 -33.37 13.81 2.95
C GLU A 353 -34.37 12.73 2.58
N ILE A 354 -34.64 11.84 3.53
CA ILE A 354 -35.72 10.86 3.37
C ILE A 354 -37.01 11.67 3.42
N SER A 355 -37.97 11.28 2.57
CA SER A 355 -39.20 12.04 2.26
C SER A 355 -39.84 12.52 3.56
N ASN A 356 -40.26 11.63 4.46
CA ASN A 356 -40.94 12.04 5.69
C ASN A 356 -40.40 11.32 6.91
N ILE A 357 -39.13 10.94 6.90
CA ILE A 357 -38.51 10.27 8.03
C ILE A 357 -37.52 11.16 8.76
N THR A 358 -36.74 11.98 8.06
CA THR A 358 -35.77 12.86 8.67
C THR A 358 -36.19 14.33 8.64
N THR A 359 -37.34 14.65 8.05
CA THR A 359 -37.82 16.02 7.98
C THR A 359 -38.55 16.38 9.27
N THR A 360 -39.24 17.51 9.28
CA THR A 360 -39.95 17.96 10.46
C THR A 360 -41.05 16.97 10.83
N PRO A 361 -41.27 16.66 12.11
CA PRO A 361 -40.49 17.21 13.22
C PRO A 361 -39.36 16.28 13.68
N HIS A 362 -39.03 15.29 12.86
CA HIS A 362 -38.01 14.32 13.20
C HIS A 362 -36.64 14.79 12.71
N THR A 363 -35.62 13.94 12.85
CA THR A 363 -34.28 14.28 12.39
C THR A 363 -33.53 12.98 12.08
N LEU A 364 -32.49 13.12 11.27
CA LEU A 364 -31.70 11.96 10.85
C LEU A 364 -30.71 11.56 11.93
N PRO A 365 -30.77 10.34 12.44
CA PRO A 365 -29.79 9.92 13.46
C PRO A 365 -28.40 9.74 12.85
N ALA A 366 -27.39 9.94 13.69
CA ALA A 366 -26.01 9.73 13.26
C ALA A 366 -25.64 8.26 13.24
N ALA A 367 -26.39 7.43 13.97
CA ALA A 367 -26.14 5.99 13.96
C ALA A 367 -26.30 5.38 12.58
N TRP A 368 -27.09 6.02 11.70
CA TRP A 368 -27.18 5.55 10.33
C TRP A 368 -25.90 5.86 9.55
N LEU A 369 -25.36 7.06 9.72
CA LEU A 369 -24.05 7.38 9.16
C LEU A 369 -22.97 6.46 9.70
N THR A 370 -23.18 5.92 10.91
CA THR A 370 -22.22 4.97 11.47
C THR A 370 -22.43 3.57 10.89
N MET A 371 -23.68 3.17 10.68
CA MET A 371 -23.99 1.88 10.09
C MET A 371 -23.73 1.84 8.58
N PHE A 372 -23.37 2.98 8.00
CA PHE A 372 -23.00 3.07 6.58
C PHE A 372 -21.91 2.05 6.22
N ASP A 373 -21.20 1.49 7.18
CA ASP A 373 -20.09 0.50 6.94
C ASP A 373 -20.44 -0.88 7.45
N ALA A 374 -21.39 -1.00 8.38
CA ALA A 374 -21.91 -2.31 8.74
C ALA A 374 -22.83 -2.86 7.65
N VAL A 375 -23.56 -1.99 6.96
CA VAL A 375 -24.42 -2.44 5.87
C VAL A 375 -23.56 -3.05 4.75
N LEU A 376 -22.46 -2.37 4.39
CA LEU A 376 -21.57 -2.89 3.37
C LEU A 376 -20.95 -4.21 3.80
N ILE A 377 -20.60 -4.34 5.08
CA ILE A 377 -20.02 -5.58 5.58
C ILE A 377 -21.03 -6.72 5.48
N LEU A 378 -22.28 -6.44 5.88
CA LEU A 378 -23.36 -7.42 5.80
C LEU A 378 -23.57 -7.88 4.37
N LEU A 379 -23.45 -6.96 3.42
CA LEU A 379 -23.59 -7.33 2.01
C LEU A 379 -22.40 -8.14 1.52
N LEU A 380 -21.21 -7.80 2.00
CA LEU A 380 -19.97 -8.39 1.50
C LEU A 380 -19.74 -9.82 1.98
N ILE A 381 -20.01 -10.08 3.25
CA ILE A 381 -19.66 -11.35 3.89
C ILE A 381 -20.20 -12.56 3.14
N PRO A 382 -21.48 -12.61 2.71
CA PRO A 382 -21.97 -13.78 1.98
C PRO A 382 -21.22 -14.04 0.68
N LEU A 383 -20.68 -12.97 0.07
CA LEU A 383 -19.89 -13.12 -1.14
C LEU A 383 -18.52 -13.73 -0.85
N LYS A 384 -17.94 -13.43 0.31
CA LYS A 384 -16.65 -14.01 0.66
C LYS A 384 -16.81 -15.48 1.09
N ASP A 385 -17.89 -15.79 1.80
CA ASP A 385 -18.07 -17.15 2.30
C ASP A 385 -18.39 -18.13 1.17
N LYS A 386 -18.98 -17.65 0.08
CA LYS A 386 -19.44 -18.53 -1.00
C LYS A 386 -18.54 -18.51 -2.22
N LEU A 387 -17.86 -17.40 -2.50
CA LEU A 387 -17.07 -17.26 -3.71
C LEU A 387 -15.58 -17.12 -3.43
N VAL A 388 -15.19 -16.19 -2.55
CA VAL A 388 -13.78 -15.92 -2.33
C VAL A 388 -13.10 -17.08 -1.61
N ASP A 389 -13.71 -17.56 -0.54
CA ASP A 389 -13.09 -18.63 0.26
C ASP A 389 -12.90 -19.92 -0.53
N PRO A 390 -13.89 -20.44 -1.29
CA PRO A 390 -13.62 -21.66 -2.06
C PRO A 390 -12.53 -21.51 -3.10
N ILE A 391 -12.48 -20.35 -3.78
CA ILE A 391 -11.44 -20.13 -4.77
C ILE A 391 -10.07 -20.08 -4.12
N LEU A 392 -9.94 -19.33 -3.02
CA LEU A 392 -8.65 -19.24 -2.33
C LEU A 392 -8.23 -20.59 -1.75
N ARG A 393 -9.21 -21.43 -1.40
CA ARG A 393 -8.89 -22.76 -0.88
C ARG A 393 -8.44 -23.69 -1.99
N ARG A 394 -9.12 -23.66 -3.13
CA ARG A 394 -8.78 -24.52 -4.25
C ARG A 394 -7.60 -24.01 -5.07
N HIS A 395 -7.08 -22.83 -4.76
CA HIS A 395 -5.91 -22.30 -5.43
C HIS A 395 -4.72 -22.12 -4.49
N GLY A 396 -4.83 -22.55 -3.25
CA GLY A 396 -3.72 -22.46 -2.31
C GLY A 396 -3.31 -21.04 -1.97
N LEU A 397 -4.22 -20.09 -2.03
CA LEU A 397 -3.94 -18.69 -1.74
C LEU A 397 -4.45 -18.34 -0.35
N LEU A 398 -3.60 -17.67 0.43
CA LEU A 398 -3.91 -17.23 1.79
C LEU A 398 -4.35 -18.39 2.66
N PRO A 399 -3.45 -19.32 3.01
CA PRO A 399 -3.86 -20.46 3.85
C PRO A 399 -3.84 -20.15 5.34
N SER A 400 -3.11 -19.11 5.76
CA SER A 400 -3.01 -18.76 7.17
C SER A 400 -3.77 -17.46 7.44
N SER A 401 -4.09 -17.24 8.72
CA SER A 401 -4.86 -16.06 9.09
C SER A 401 -4.00 -14.81 9.10
N LEU A 402 -2.69 -14.95 9.37
CA LEU A 402 -1.83 -13.78 9.44
C LEU A 402 -1.69 -13.10 8.09
N LYS A 403 -1.63 -13.88 7.01
CA LYS A 403 -1.57 -13.31 5.68
C LYS A 403 -2.85 -12.54 5.35
N ARG A 404 -4.00 -13.07 5.78
CA ARG A 404 -5.25 -12.36 5.61
C ARG A 404 -5.28 -11.07 6.41
N ILE A 405 -4.68 -11.09 7.61
CA ILE A 405 -4.57 -9.87 8.41
C ILE A 405 -3.71 -8.84 7.68
N ALA A 406 -2.62 -9.28 7.06
CA ALA A 406 -1.77 -8.37 6.31
C ALA A 406 -2.52 -7.78 5.12
N VAL A 407 -3.30 -8.61 4.41
CA VAL A 407 -4.11 -8.10 3.30
C VAL A 407 -5.12 -7.08 3.80
N GLY A 408 -5.73 -7.36 4.95
CA GLY A 408 -6.68 -6.41 5.51
C GLY A 408 -6.03 -5.08 5.88
N MET A 409 -4.81 -5.13 6.43
CA MET A 409 -4.11 -3.90 6.76
C MET A 409 -3.73 -3.12 5.50
N PHE A 410 -3.37 -3.84 4.44
CA PHE A 410 -3.11 -3.19 3.16
C PHE A 410 -4.35 -2.47 2.65
N PHE A 411 -5.51 -3.13 2.72
CA PHE A 411 -6.76 -2.48 2.32
C PHE A 411 -7.09 -1.31 3.24
N VAL A 412 -6.70 -1.40 4.52
CA VAL A 412 -6.95 -0.30 5.45
C VAL A 412 -6.16 0.93 5.05
N MET A 413 -4.87 0.75 4.74
CA MET A 413 -4.06 1.90 4.33
C MET A 413 -4.51 2.43 2.97
N CYS A 414 -4.99 1.55 2.08
CA CYS A 414 -5.56 2.02 0.82
C CYS A 414 -6.79 2.88 1.05
N SER A 415 -7.66 2.45 1.97
CA SER A 415 -8.84 3.24 2.28
C SER A 415 -8.47 4.57 2.95
N ALA A 416 -7.42 4.56 3.78
CA ALA A 416 -6.97 5.80 4.39
C ALA A 416 -6.48 6.79 3.33
N PHE A 417 -5.74 6.29 2.34
CA PHE A 417 -5.29 7.16 1.26
C PHE A 417 -6.47 7.68 0.44
N ALA A 418 -7.44 6.81 0.16
CA ALA A 418 -8.62 7.25 -0.58
C ALA A 418 -9.41 8.30 0.19
N ALA A 419 -9.54 8.12 1.50
CA ALA A 419 -10.23 9.11 2.33
C ALA A 419 -9.47 10.42 2.36
N GLY A 420 -8.14 10.35 2.37
CA GLY A 420 -7.35 11.57 2.29
C GLY A 420 -7.57 12.32 0.99
N ILE A 421 -7.64 11.58 -0.13
CA ILE A 421 -7.94 12.21 -1.42
C ILE A 421 -9.31 12.85 -1.40
N LEU A 422 -10.31 12.13 -0.86
CA LEU A 422 -11.66 12.66 -0.83
C LEU A 422 -11.76 13.90 0.06
N GLU A 423 -11.02 13.91 1.17
CA GLU A 423 -11.03 15.09 2.04
C GLU A 423 -10.28 16.26 1.41
N SER A 424 -9.21 15.98 0.67
CA SER A 424 -8.52 17.06 -0.04
C SER A 424 -9.42 17.67 -1.10
N LYS A 425 -10.26 16.85 -1.75
CA LYS A 425 -11.21 17.39 -2.70
C LYS A 425 -12.34 18.14 -2.00
N ARG A 426 -12.75 17.66 -0.82
CA ARG A 426 -13.86 18.29 -0.11
C ARG A 426 -13.44 19.61 0.51
N LEU A 427 -12.20 19.70 1.00
CA LEU A 427 -11.74 20.92 1.65
C LEU A 427 -11.62 22.09 0.68
N ASN A 428 -11.60 21.82 -0.63
CA ASN A 428 -11.55 22.90 -1.61
C ASN A 428 -12.94 23.43 -1.94
N LEU A 429 -13.99 22.64 -1.68
CA LEU A 429 -15.34 23.06 -1.99
C LEU A 429 -15.94 23.92 -0.88
N VAL A 430 -15.54 23.70 0.37
CA VAL A 430 -16.08 24.48 1.47
C VAL A 430 -15.61 25.93 1.43
N LYS A 431 -14.53 26.22 0.71
CA LYS A 431 -14.06 27.60 0.60
C LYS A 431 -14.96 28.43 -0.30
N GLU A 432 -15.70 27.78 -1.21
CA GLU A 432 -16.58 28.48 -2.14
C GLU A 432 -18.02 28.54 -1.64
N LYS A 433 -18.63 27.38 -1.39
CA LYS A 433 -20.03 27.31 -0.99
C LYS A 433 -20.22 26.20 0.04
N THR A 434 -20.95 26.52 1.12
CA THR A 434 -21.30 25.56 2.15
C THR A 434 -22.80 25.54 2.34
N ILE A 435 -23.36 24.33 2.48
CA ILE A 435 -24.77 24.14 2.71
C ILE A 435 -24.97 23.68 4.15
N ASN A 436 -26.08 24.10 4.76
CA ASN A 436 -26.38 23.78 6.14
C ASN A 436 -27.32 22.58 6.20
N GLN A 437 -27.01 21.63 7.08
CA GLN A 437 -27.83 20.46 7.29
C GLN A 437 -27.90 20.15 8.78
N THR A 438 -29.01 19.55 9.20
CA THR A 438 -29.25 19.21 10.60
C THR A 438 -29.31 17.70 10.74
N ILE A 439 -28.45 17.14 11.58
CA ILE A 439 -28.42 15.70 11.80
C ILE A 439 -28.73 15.41 13.26
N GLY A 440 -27.85 15.84 14.17
CA GLY A 440 -28.08 15.66 15.58
C GLY A 440 -28.75 16.85 16.23
N ASN A 441 -29.77 17.40 15.57
CA ASN A 441 -30.43 18.62 15.99
C ASN A 441 -29.43 19.78 16.08
N VAL A 442 -28.36 19.68 15.31
CA VAL A 442 -27.32 20.70 15.24
C VAL A 442 -26.99 20.95 13.78
N VAL A 443 -26.55 22.16 13.47
CA VAL A 443 -26.30 22.58 12.09
C VAL A 443 -24.87 22.21 11.71
N TYR A 444 -24.72 21.57 10.56
CA TYR A 444 -23.41 21.23 10.01
C TYR A 444 -23.25 21.94 8.67
N HIS A 445 -22.09 22.56 8.47
CA HIS A 445 -21.79 23.28 7.23
C HIS A 445 -21.12 22.31 6.25
N ALA A 446 -21.97 21.52 5.60
CA ALA A 446 -21.49 20.52 4.65
C ALA A 446 -21.15 21.16 3.31
N ALA A 447 -20.38 20.43 2.51
CA ALA A 447 -20.00 20.88 1.18
C ALA A 447 -20.97 20.34 0.14
N ASP A 448 -20.89 20.92 -1.08
CA ASP A 448 -21.73 20.50 -2.19
C ASP A 448 -21.12 19.27 -2.85
N LEU A 449 -21.14 18.17 -2.10
CA LEU A 449 -20.60 16.90 -2.57
C LEU A 449 -21.44 15.77 -2.00
N SER A 450 -21.89 14.87 -2.87
CA SER A 450 -22.76 13.79 -2.44
C SER A 450 -22.05 12.87 -1.46
N LEU A 451 -22.84 12.34 -0.50
CA LEU A 451 -22.30 11.41 0.48
C LEU A 451 -21.86 10.09 -0.16
N TRP A 452 -22.40 9.75 -1.33
CA TRP A 452 -22.07 8.50 -1.98
C TRP A 452 -20.65 8.47 -2.53
N TRP A 453 -19.90 9.57 -2.43
CA TRP A 453 -18.49 9.54 -2.80
C TRP A 453 -17.64 8.81 -1.78
N GLN A 454 -18.18 8.51 -0.59
CA GLN A 454 -17.49 7.69 0.40
C GLN A 454 -17.63 6.21 0.12
N VAL A 455 -18.30 5.83 -0.98
CA VAL A 455 -18.52 4.41 -1.27
C VAL A 455 -17.21 3.65 -1.47
N PRO A 456 -16.22 4.14 -2.22
CA PRO A 456 -14.96 3.37 -2.33
C PRO A 456 -14.21 3.26 -1.02
N GLN A 457 -14.11 4.35 -0.26
CA GLN A 457 -13.39 4.31 1.01
C GLN A 457 -14.06 3.40 2.04
N TYR A 458 -15.36 3.16 1.89
CA TYR A 458 -16.06 2.23 2.77
C TYR A 458 -16.04 0.80 2.24
N LEU A 459 -16.05 0.63 0.92
CA LEU A 459 -15.87 -0.70 0.35
C LEU A 459 -14.49 -1.26 0.67
N LEU A 460 -13.48 -0.39 0.75
CA LEU A 460 -12.13 -0.86 1.07
C LEU A 460 -12.04 -1.35 2.51
N ILE A 461 -12.62 -0.62 3.46
CA ILE A 461 -12.63 -1.09 4.84
C ILE A 461 -13.55 -2.30 4.98
N GLY A 462 -14.56 -2.41 4.13
CA GLY A 462 -15.38 -3.61 4.14
C GLY A 462 -14.61 -4.84 3.70
N ILE A 463 -13.77 -4.69 2.68
CA ILE A 463 -12.90 -5.78 2.27
C ILE A 463 -11.85 -6.06 3.34
N SER A 464 -11.40 -5.02 4.04
CA SER A 464 -10.37 -5.19 5.06
C SER A 464 -10.90 -5.95 6.27
N GLU A 465 -11.94 -5.49 6.92
CA GLU A 465 -12.54 -6.22 8.06
C GLU A 465 -12.88 -7.69 7.74
N ILE A 466 -13.48 -8.03 6.61
CA ILE A 466 -13.73 -9.43 6.30
C ILE A 466 -12.45 -10.20 6.05
N PHE A 467 -11.31 -9.51 5.92
CA PHE A 467 -10.01 -10.14 5.72
C PHE A 467 -9.11 -10.07 6.94
N ALA A 468 -9.26 -9.02 7.75
CA ALA A 468 -8.37 -8.84 8.90
C ALA A 468 -9.04 -9.21 10.22
N SER A 469 -10.31 -8.85 10.40
CA SER A 469 -10.96 -9.07 11.69
C SER A 469 -11.30 -10.54 11.90
N ILE A 470 -11.94 -11.17 10.91
CA ILE A 470 -12.25 -12.60 11.04
C ILE A 470 -10.96 -13.41 11.16
N ALA A 471 -9.93 -13.04 10.40
CA ALA A 471 -8.65 -13.72 10.48
C ALA A 471 -8.02 -13.54 11.86
N GLY A 472 -8.10 -12.33 12.42
CA GLY A 472 -7.56 -12.11 13.76
C GLY A 472 -8.31 -12.90 14.81
N LEU A 473 -9.64 -12.99 14.67
CA LEU A 473 -10.43 -13.75 15.62
C LEU A 473 -10.07 -15.24 15.58
N GLU A 474 -10.02 -15.81 14.36
CA GLU A 474 -9.68 -17.23 14.26
C GLU A 474 -8.23 -17.49 14.62
N PHE A 475 -7.35 -16.49 14.48
CA PHE A 475 -5.97 -16.65 14.92
C PHE A 475 -5.88 -16.66 16.44
N ALA A 476 -6.58 -15.73 17.09
CA ALA A 476 -6.62 -15.72 18.56
C ALA A 476 -7.28 -16.99 19.10
N TYR A 477 -8.19 -17.58 18.33
CA TYR A 477 -8.82 -18.82 18.79
C TYR A 477 -7.92 -20.02 18.54
N SER A 478 -7.17 -20.02 17.44
CA SER A 478 -6.36 -21.19 17.08
C SER A 478 -4.98 -21.17 17.73
N ALA A 479 -4.36 -19.99 17.82
CA ALA A 479 -3.02 -19.88 18.40
C ALA A 479 -3.03 -19.96 19.91
N ALA A 480 -4.19 -20.02 20.54
CA ALA A 480 -4.27 -20.10 21.99
C ALA A 480 -4.21 -21.57 22.44
N PRO A 481 -3.62 -21.82 23.61
CA PRO A 481 -3.60 -23.19 24.14
C PRO A 481 -5.02 -23.68 24.42
N LYS A 482 -5.18 -25.01 24.40
CA LYS A 482 -6.50 -25.59 24.62
C LYS A 482 -7.03 -25.26 26.01
N SER A 483 -6.15 -25.11 26.99
CA SER A 483 -6.60 -24.80 28.34
C SER A 483 -6.94 -23.32 28.48
N MET A 484 -6.15 -22.45 27.87
CA MET A 484 -6.33 -21.00 27.97
C MET A 484 -6.77 -20.48 26.61
N GLN A 485 -8.09 -20.36 26.42
CA GLN A 485 -8.67 -19.80 25.20
C GLN A 485 -9.42 -18.50 25.46
N SER A 486 -10.33 -18.49 26.44
CA SER A 486 -11.07 -17.28 26.75
C SER A 486 -10.15 -16.19 27.29
N ALA A 487 -9.12 -16.57 28.04
CA ALA A 487 -8.16 -15.60 28.54
C ALA A 487 -7.37 -14.96 27.40
N ILE A 488 -6.99 -15.77 26.41
CA ILE A 488 -6.26 -15.22 25.27
C ILE A 488 -7.15 -14.32 24.43
N MET A 489 -8.43 -14.69 24.28
CA MET A 489 -9.35 -13.83 23.56
C MET A 489 -9.58 -12.52 24.31
N GLY A 490 -9.66 -12.59 25.64
CA GLY A 490 -9.77 -11.37 26.43
C GLY A 490 -8.55 -10.49 26.31
N LEU A 491 -7.36 -11.09 26.28
CA LEU A 491 -6.15 -10.32 26.06
C LEU A 491 -6.12 -9.70 24.67
N PHE A 492 -6.68 -10.41 23.69
CA PHE A 492 -6.79 -9.87 22.33
C PHE A 492 -7.67 -8.61 22.32
N PHE A 493 -8.85 -8.69 22.95
CA PHE A 493 -9.73 -7.54 23.02
C PHE A 493 -9.12 -6.42 23.87
N PHE A 494 -8.36 -6.78 24.90
CA PHE A 494 -7.70 -5.77 25.73
C PHE A 494 -6.63 -5.02 24.94
N PHE A 495 -5.87 -5.73 24.11
CA PHE A 495 -4.89 -5.06 23.26
C PHE A 495 -5.57 -4.23 22.18
N SER A 496 -6.74 -4.66 21.71
CA SER A 496 -7.52 -3.82 20.81
C SER A 496 -7.92 -2.52 21.50
N GLY A 497 -8.35 -2.61 22.77
CA GLY A 497 -8.68 -1.41 23.51
C GLY A 497 -7.48 -0.53 23.79
N VAL A 498 -6.32 -1.15 24.03
CA VAL A 498 -5.09 -0.40 24.20
C VAL A 498 -4.77 0.37 22.92
N GLY A 499 -4.95 -0.29 21.77
CA GLY A 499 -4.78 0.42 20.50
C GLY A 499 -5.76 1.56 20.34
N SER A 500 -7.00 1.37 20.80
CA SER A 500 -7.99 2.45 20.73
C SER A 500 -7.56 3.64 21.57
N PHE A 501 -7.06 3.38 22.78
CA PHE A 501 -6.60 4.47 23.63
C PHE A 501 -5.37 5.15 23.07
N VAL A 502 -4.49 4.37 22.43
CA VAL A 502 -3.32 4.96 21.76
C VAL A 502 -3.77 5.84 20.61
N GLY A 503 -4.82 5.43 19.90
CA GLY A 503 -5.35 6.25 18.83
C GLY A 503 -5.97 7.55 19.36
N SER A 504 -6.64 7.47 20.50
CA SER A 504 -7.17 8.69 21.12
C SER A 504 -6.03 9.62 21.52
N GLY A 505 -4.96 9.07 22.09
CA GLY A 505 -3.81 9.89 22.44
C GLY A 505 -3.13 10.48 21.22
N LEU A 506 -3.11 9.74 20.10
CA LEU A 506 -2.55 10.27 18.87
C LEU A 506 -3.40 11.40 18.30
N LEU A 507 -4.73 11.25 18.37
CA LEU A 507 -5.62 12.32 17.94
C LEU A 507 -5.43 13.56 18.80
N ALA A 508 -5.24 13.37 20.11
CA ALA A 508 -4.95 14.50 21.00
C ALA A 508 -3.55 15.06 20.78
N LEU A 509 -2.65 14.28 20.20
CA LEU A 509 -1.28 14.75 19.97
C LEU A 509 -1.22 15.72 18.79
N VAL A 510 -1.92 15.41 17.69
CA VAL A 510 -1.90 16.27 16.52
C VAL A 510 -2.72 17.54 16.70
N SER A 511 -3.47 17.64 17.80
CA SER A 511 -4.31 18.80 18.06
C SER A 511 -3.60 19.88 18.86
N ILE A 512 -2.30 19.75 19.09
CA ILE A 512 -1.53 20.75 19.83
C ILE A 512 -1.38 21.99 18.98
N LYS A 513 -0.91 23.09 19.59
CA LYS A 513 -0.75 24.34 18.86
C LYS A 513 0.34 24.23 17.81
N ALA A 514 1.26 23.28 17.95
CA ALA A 514 2.34 23.15 16.98
C ALA A 514 1.84 22.59 15.65
N ILE A 515 0.92 21.64 15.69
CA ILE A 515 0.39 20.99 14.51
C ILE A 515 -1.09 21.36 14.38
N GLY A 516 -1.43 22.05 13.30
CA GLY A 516 -2.78 22.50 13.07
C GLY A 516 -3.76 21.46 12.59
N TRP A 517 -3.39 20.18 12.61
CA TRP A 517 -4.29 19.13 12.14
C TRP A 517 -5.33 18.81 13.19
N MET A 518 -6.60 19.03 12.84
CA MET A 518 -7.74 18.70 13.71
C MET A 518 -7.60 19.38 15.07
N SER A 519 -7.63 20.71 15.04
CA SER A 519 -7.44 21.51 16.24
C SER A 519 -8.49 22.60 16.41
N SER A 520 -9.66 22.45 15.79
CA SER A 520 -10.74 23.42 15.93
C SER A 520 -11.47 23.23 17.25
N HIS A 521 -11.89 21.98 17.49
CA HIS A 521 -12.65 21.60 18.68
C HIS A 521 -12.74 20.08 18.80
N THR A 522 -13.46 19.60 19.82
CA THR A 522 -13.64 18.16 20.02
C THR A 522 -14.53 17.58 18.92
N ASP A 523 -14.76 16.27 19.00
CA ASP A 523 -15.46 15.53 17.97
C ASP A 523 -16.90 16.03 17.82
N PHE A 524 -17.49 15.72 16.66
CA PHE A 524 -18.86 16.10 16.32
C PHE A 524 -19.02 17.62 16.31
N GLY A 525 -18.12 18.30 15.61
CA GLY A 525 -18.16 19.74 15.51
C GLY A 525 -18.03 20.25 14.09
N ASN A 526 -17.09 21.16 13.86
CA ASN A 526 -16.82 21.70 12.54
C ASN A 526 -15.39 21.35 12.15
N ILE A 527 -15.23 20.70 11.01
CA ILE A 527 -13.92 20.29 10.52
C ILE A 527 -13.51 21.08 9.28
N ASN A 528 -14.25 22.15 8.94
CA ASN A 528 -13.89 22.96 7.79
C ASN A 528 -12.62 23.76 8.02
N GLY A 529 -12.27 24.04 9.28
CA GLY A 529 -11.05 24.74 9.60
C GLY A 529 -9.91 23.79 9.93
N CYS A 530 -10.22 22.50 10.00
CA CYS A 530 -9.23 21.49 10.30
C CYS A 530 -8.58 20.98 9.03
N TYR A 531 -7.59 20.11 9.20
CA TYR A 531 -6.89 19.44 8.10
C TYR A 531 -7.05 17.94 8.32
N LEU A 532 -8.15 17.39 7.82
CA LEU A 532 -8.42 15.97 8.00
C LEU A 532 -7.72 15.12 6.95
N ASN A 533 -7.41 15.70 5.78
CA ASN A 533 -6.68 14.95 4.76
C ASN A 533 -5.26 14.63 5.22
N TYR A 534 -4.61 15.58 5.90
CA TYR A 534 -3.28 15.31 6.43
C TYR A 534 -3.34 14.22 7.50
N TYR A 535 -4.39 14.22 8.32
CA TYR A 535 -4.55 13.16 9.31
C TYR A 535 -4.77 11.81 8.65
N PHE A 536 -5.53 11.78 7.56
CA PHE A 536 -5.75 10.54 6.83
C PHE A 536 -4.44 10.03 6.22
N PHE A 537 -3.63 10.94 5.67
CA PHE A 537 -2.35 10.55 5.09
C PHE A 537 -1.40 10.04 6.17
N LEU A 538 -1.40 10.67 7.34
CA LEU A 538 -0.58 10.19 8.45
C LEU A 538 -1.02 8.81 8.90
N LEU A 539 -2.34 8.58 8.98
CA LEU A 539 -2.86 7.27 9.34
C LEU A 539 -2.47 6.22 8.29
N ALA A 540 -2.48 6.61 7.01
CA ALA A 540 -2.10 5.68 5.96
C ALA A 540 -0.63 5.30 6.06
N ALA A 541 0.24 6.29 6.30
CA ALA A 541 1.67 6.00 6.46
C ALA A 541 1.92 5.12 7.68
N ILE A 542 1.24 5.41 8.79
CA ILE A 542 1.39 4.59 9.99
C ILE A 542 0.91 3.17 9.72
N GLN A 543 -0.22 3.02 9.04
CA GLN A 543 -0.74 1.70 8.73
C GLN A 543 0.23 0.93 7.84
N GLY A 544 0.84 1.60 6.86
CA GLY A 544 1.82 0.94 6.03
C GLY A 544 3.06 0.49 6.78
N ALA A 545 3.53 1.34 7.71
CA ALA A 545 4.68 0.98 8.52
C ALA A 545 4.38 -0.24 9.38
N THR A 546 3.24 -0.24 10.07
CA THR A 546 2.88 -1.38 10.90
C THR A 546 2.53 -2.60 10.06
N LEU A 547 2.12 -2.40 8.82
CA LEU A 547 1.91 -3.52 7.91
C LEU A 547 3.24 -4.19 7.57
N LEU A 548 4.26 -3.40 7.26
CA LEU A 548 5.59 -3.95 7.04
C LEU A 548 6.10 -4.67 8.28
N LEU A 549 5.89 -4.06 9.46
CA LEU A 549 6.33 -4.70 10.70
C LEU A 549 5.60 -6.02 10.94
N PHE A 550 4.29 -6.05 10.70
CA PHE A 550 3.53 -7.27 10.89
C PHE A 550 3.97 -8.35 9.89
N LEU A 551 4.23 -7.96 8.65
CA LEU A 551 4.73 -8.92 7.67
C LEU A 551 6.10 -9.46 8.06
N ILE A 552 6.91 -8.64 8.72
CA ILE A 552 8.22 -9.08 9.18
C ILE A 552 8.06 -10.09 10.32
N ILE A 553 7.20 -9.78 11.28
CA ILE A 553 7.04 -10.67 12.43
C ILE A 553 6.17 -11.88 12.09
N SER A 554 5.37 -11.81 11.02
CA SER A 554 4.54 -12.94 10.64
C SER A 554 5.38 -14.12 10.17
N VAL A 555 6.46 -13.84 9.44
CA VAL A 555 7.32 -14.92 8.96
C VAL A 555 8.05 -15.57 10.12
N LYS A 556 8.46 -14.78 11.12
CA LYS A 556 9.12 -15.31 12.29
C LYS A 556 8.19 -16.14 13.18
N TYR A 557 6.87 -16.02 13.00
CA TYR A 557 5.91 -16.80 13.76
C TYR A 557 5.45 -18.04 13.02
N ASP A 558 5.20 -17.94 11.71
CA ASP A 558 4.78 -19.10 10.93
C ASP A 558 5.89 -20.13 10.77
N HIS A 559 7.13 -19.78 11.05
CA HIS A 559 8.24 -20.73 10.97
C HIS A 559 8.28 -21.68 12.16
N HIS A 560 7.44 -21.48 13.17
CA HIS A 560 7.36 -22.38 14.32
C HIS A 560 6.01 -23.07 14.40
N ARG A 561 5.17 -22.96 13.38
CA ARG A 561 3.86 -23.60 13.35
C ARG A 561 3.95 -25.03 12.82
N ASP A 562 4.69 -25.24 11.74
CA ASP A 562 4.82 -26.56 11.14
C ASP A 562 6.27 -26.92 10.84
N HIS A 563 7.23 -26.06 11.17
CA HIS A 563 8.64 -26.30 10.88
C HIS A 563 9.42 -26.62 12.15
N GLN A 564 9.29 -25.81 13.19
CA GLN A 564 9.98 -26.05 14.45
C GLN A 564 9.03 -26.64 15.49
N ALA B 31 37.07 -15.32 -3.64
CA ALA B 31 37.51 -14.40 -4.68
C ALA B 31 38.07 -15.15 -5.88
N GLY B 32 39.19 -14.68 -6.41
CA GLY B 32 39.85 -15.28 -7.56
C GLY B 32 39.38 -14.76 -8.90
N ARG B 33 38.07 -14.51 -9.03
CA ARG B 33 37.48 -14.01 -10.27
C ARG B 33 37.07 -12.54 -10.15
N ARG B 34 37.86 -11.73 -9.45
CA ARG B 34 37.51 -10.33 -9.25
C ARG B 34 37.70 -9.51 -10.53
N ALA B 35 38.67 -9.89 -11.36
CA ALA B 35 38.91 -9.14 -12.59
C ALA B 35 37.80 -9.36 -13.61
N ALA B 36 37.31 -10.60 -13.73
CA ALA B 36 36.24 -10.90 -14.66
C ALA B 36 34.95 -10.17 -14.31
N CYS B 37 34.75 -9.82 -13.05
CA CYS B 37 33.57 -9.04 -12.67
C CYS B 37 33.81 -7.55 -12.84
N GLY B 38 35.02 -7.08 -12.51
CA GLY B 38 35.31 -5.67 -12.64
C GLY B 38 35.31 -5.20 -14.08
N ALA B 39 35.78 -6.05 -14.99
CA ALA B 39 35.76 -5.68 -16.41
C ALA B 39 34.34 -5.53 -16.93
N VAL B 40 33.45 -6.45 -16.55
CA VAL B 40 32.04 -6.34 -16.96
C VAL B 40 31.39 -5.12 -16.33
N LEU B 41 31.73 -4.83 -15.07
CA LEU B 41 31.16 -3.66 -14.41
C LEU B 41 31.59 -2.37 -15.11
N LEU B 42 32.87 -2.27 -15.48
CA LEU B 42 33.34 -1.09 -16.19
C LEU B 42 32.72 -0.98 -17.58
N THR B 43 32.58 -2.11 -18.28
CA THR B 43 31.94 -2.08 -19.60
C THR B 43 30.51 -1.60 -19.50
N GLU B 44 29.75 -2.13 -18.53
CA GLU B 44 28.37 -1.70 -18.36
C GLU B 44 28.28 -0.24 -17.93
N LEU B 45 29.21 0.19 -17.09
CA LEU B 45 29.25 1.59 -16.66
C LEU B 45 29.42 2.52 -17.86
N LEU B 46 30.41 2.24 -18.70
CA LEU B 46 30.65 3.10 -19.86
C LEU B 46 29.51 3.03 -20.87
N GLU B 47 28.94 1.84 -21.07
CA GLU B 47 27.83 1.68 -21.99
C GLU B 47 26.62 2.48 -21.53
N ARG B 48 26.26 2.38 -20.25
CA ARG B 48 25.13 3.14 -19.73
C ARG B 48 25.41 4.64 -19.75
N ALA B 49 26.65 5.04 -19.46
CA ALA B 49 27.00 6.46 -19.52
C ALA B 49 26.79 7.01 -20.93
N ALA B 50 27.29 6.30 -21.94
CA ALA B 50 27.11 6.75 -23.32
C ALA B 50 25.62 6.77 -23.70
N PHE B 51 24.89 5.71 -23.35
CA PHE B 51 23.48 5.62 -23.69
C PHE B 51 22.69 6.78 -23.09
N TYR B 52 22.92 7.13 -21.80
CA TYR B 52 22.26 8.25 -21.04
C TYR B 52 22.87 9.58 -21.42
N GLY B 53 23.93 9.56 -22.16
CA GLY B 53 24.44 10.77 -22.77
C GLY B 53 23.73 11.09 -24.07
N ILE B 54 23.38 10.05 -24.85
CA ILE B 54 22.66 10.26 -26.10
C ILE B 54 21.19 10.58 -25.88
N THR B 55 20.62 10.23 -24.71
CA THR B 55 19.23 10.50 -24.43
C THR B 55 19.00 11.69 -23.51
N SER B 56 20.06 12.31 -22.99
CA SER B 56 19.89 13.43 -22.09
C SER B 56 19.62 14.74 -22.84
N ASN B 57 20.26 14.94 -23.98
CA ASN B 57 20.09 16.19 -24.73
C ASN B 57 19.84 15.95 -26.22
N LEU B 58 19.20 14.82 -26.58
CA LEU B 58 18.94 14.57 -27.99
C LEU B 58 17.87 15.50 -28.54
N VAL B 59 16.82 15.74 -27.75
CA VAL B 59 15.73 16.61 -28.22
C VAL B 59 16.23 18.03 -28.42
N LEU B 60 17.04 18.52 -27.48
CA LEU B 60 17.60 19.87 -27.62
C LEU B 60 18.60 19.94 -28.76
N PHE B 61 19.29 18.83 -29.05
CA PHE B 61 20.25 18.84 -30.16
C PHE B 61 19.53 18.87 -31.50
N LEU B 62 18.44 18.13 -31.63
CA LEU B 62 17.66 18.15 -32.87
C LEU B 62 17.01 19.51 -33.12
N ASN B 63 16.75 20.27 -32.06
CA ASN B 63 16.27 21.65 -32.19
C ASN B 63 17.50 22.57 -32.10
N GLY B 64 18.25 22.61 -33.18
CA GLY B 64 19.48 23.37 -33.24
C GLY B 64 19.90 23.62 -34.68
N ALA B 65 21.08 24.22 -34.83
CA ALA B 65 21.62 24.64 -36.12
C ALA B 65 21.58 23.55 -37.20
N PRO B 66 22.13 22.35 -36.97
CA PRO B 66 22.22 21.38 -38.07
C PRO B 66 20.88 20.82 -38.51
N PHE B 67 19.87 20.81 -37.64
CA PHE B 67 18.58 20.19 -37.96
C PHE B 67 17.43 21.20 -37.96
N CYS B 68 17.29 21.98 -36.90
CA CYS B 68 16.18 22.92 -36.74
C CYS B 68 14.83 22.20 -36.84
N TRP B 69 14.76 21.00 -36.28
CA TRP B 69 13.54 20.22 -36.32
C TRP B 69 12.49 20.79 -35.38
N GLU B 70 11.24 20.38 -35.59
CA GLU B 70 10.16 20.75 -34.70
C GLU B 70 10.15 19.85 -33.47
N GLY B 71 9.37 20.26 -32.46
CA GLY B 71 9.33 19.50 -31.23
C GLY B 71 8.72 18.12 -31.39
N ALA B 72 7.70 18.01 -32.25
CA ALA B 72 7.04 16.73 -32.45
C ALA B 72 7.99 15.70 -33.04
N GLN B 73 8.67 16.05 -34.13
CA GLN B 73 9.61 15.12 -34.73
C GLN B 73 10.82 14.87 -33.84
N ALA B 74 11.25 15.89 -33.08
CA ALA B 74 12.36 15.69 -32.16
C ALA B 74 12.03 14.68 -31.08
N SER B 75 10.80 14.73 -30.55
CA SER B 75 10.38 13.74 -29.58
C SER B 75 10.16 12.37 -30.23
N GLU B 76 9.63 12.36 -31.46
CA GLU B 76 9.41 11.10 -32.16
C GLU B 76 10.72 10.38 -32.44
N ALA B 77 11.80 11.14 -32.66
CA ALA B 77 13.09 10.52 -32.88
C ALA B 77 13.57 9.73 -31.67
N LEU B 78 13.49 10.35 -30.48
CA LEU B 78 13.87 9.65 -29.26
C LEU B 78 12.90 8.49 -28.96
N LEU B 79 11.62 8.66 -29.26
CA LEU B 79 10.66 7.59 -29.05
C LEU B 79 11.00 6.38 -29.93
N LEU B 80 11.29 6.62 -31.20
CA LEU B 80 11.68 5.54 -32.10
C LEU B 80 13.03 4.93 -31.70
N PHE B 81 13.94 5.75 -31.17
CA PHE B 81 15.21 5.24 -30.68
C PHE B 81 14.99 4.24 -29.55
N MET B 82 14.25 4.64 -28.53
CA MET B 82 13.96 3.74 -27.43
C MET B 82 13.13 2.55 -27.86
N GLY B 83 12.23 2.72 -28.83
CA GLY B 83 11.45 1.62 -29.35
C GLY B 83 12.29 0.58 -30.04
N LEU B 84 13.26 1.02 -30.84
CA LEU B 84 14.19 0.09 -31.48
C LEU B 84 15.07 -0.58 -30.44
N THR B 85 15.45 0.16 -29.40
CA THR B 85 16.24 -0.40 -28.31
C THR B 85 15.49 -1.52 -27.59
N TYR B 86 14.20 -1.32 -27.36
CA TYR B 86 13.40 -2.31 -26.64
C TYR B 86 13.06 -3.50 -27.54
N LEU B 87 12.65 -3.22 -28.78
CA LEU B 87 12.24 -4.28 -29.69
C LEU B 87 13.43 -5.12 -30.14
N GLY B 88 14.58 -4.49 -30.31
CA GLY B 88 15.77 -5.19 -30.76
C GLY B 88 16.39 -6.10 -29.73
N SER B 89 16.17 -5.80 -28.45
CA SER B 89 16.78 -6.49 -27.33
C SER B 89 16.61 -8.02 -27.39
N PRO B 90 15.39 -8.56 -27.63
CA PRO B 90 15.27 -10.02 -27.71
C PRO B 90 16.07 -10.62 -28.86
N PHE B 91 16.04 -9.97 -30.02
CA PHE B 91 16.77 -10.44 -31.19
C PHE B 91 18.27 -10.50 -30.89
N GLY B 92 18.76 -9.56 -30.09
CA GLY B 92 20.15 -9.63 -29.66
C GLY B 92 20.44 -10.87 -28.83
N GLY B 93 19.50 -11.27 -27.98
CA GLY B 93 19.67 -12.48 -27.21
C GLY B 93 19.66 -13.73 -28.09
N TRP B 94 18.78 -13.75 -29.09
CA TRP B 94 18.78 -14.86 -30.03
C TRP B 94 20.06 -14.92 -30.85
N LEU B 95 20.63 -13.76 -31.18
CA LEU B 95 21.92 -13.75 -31.86
C LEU B 95 23.03 -14.25 -30.95
N ALA B 96 23.00 -13.87 -29.68
CA ALA B 96 24.02 -14.30 -28.73
C ALA B 96 23.86 -15.76 -28.30
N ASP B 97 22.70 -16.36 -28.56
CA ASP B 97 22.46 -17.75 -28.19
C ASP B 97 22.56 -18.73 -29.34
N ALA B 98 21.91 -18.45 -30.46
CA ALA B 98 21.84 -19.41 -31.56
C ALA B 98 23.05 -19.35 -32.49
N ARG B 99 23.62 -18.17 -32.72
CA ARG B 99 24.71 -18.00 -33.68
C ARG B 99 26.04 -17.69 -32.99
N LEU B 100 26.09 -16.66 -32.17
CA LEU B 100 27.32 -16.22 -31.52
C LEU B 100 27.41 -16.79 -30.11
N GLY B 101 28.54 -16.52 -29.46
CA GLY B 101 28.82 -17.10 -28.16
C GLY B 101 28.60 -16.18 -26.98
N ARG B 102 27.82 -15.11 -27.20
CA ARG B 102 27.40 -14.17 -26.16
C ARG B 102 28.57 -13.30 -25.70
N ALA B 103 29.77 -13.60 -26.18
CA ALA B 103 30.91 -12.71 -25.96
C ALA B 103 31.32 -12.02 -27.26
N ARG B 104 31.49 -12.81 -28.32
CA ARG B 104 31.66 -12.23 -29.65
C ARG B 104 30.43 -11.42 -30.04
N ALA B 105 29.26 -11.81 -29.54
CA ALA B 105 28.05 -11.03 -29.77
C ALA B 105 28.16 -9.65 -29.11
N ILE B 106 28.62 -9.61 -27.87
CA ILE B 106 28.81 -8.34 -27.19
C ILE B 106 29.85 -7.49 -27.91
N LEU B 107 30.92 -8.12 -28.37
CA LEU B 107 31.96 -7.37 -29.09
C LEU B 107 31.44 -6.80 -30.40
N LEU B 108 30.69 -7.60 -31.16
CA LEU B 108 30.13 -7.12 -32.43
C LEU B 108 29.10 -6.02 -32.19
N SER B 109 28.28 -6.17 -31.15
CA SER B 109 27.30 -5.13 -30.84
C SER B 109 27.97 -3.85 -30.39
N LEU B 110 29.07 -3.95 -29.64
CA LEU B 110 29.80 -2.77 -29.24
C LEU B 110 30.49 -2.12 -30.43
N ALA B 111 30.92 -2.92 -31.40
CA ALA B 111 31.49 -2.36 -32.63
C ALA B 111 30.45 -1.58 -33.41
N LEU B 112 29.27 -2.17 -33.61
CA LEU B 112 28.19 -1.45 -34.29
C LEU B 112 27.74 -0.24 -33.47
N TYR B 113 27.87 -0.32 -32.15
CA TYR B 113 27.54 0.81 -31.28
C TYR B 113 28.52 1.96 -31.50
N LEU B 114 29.82 1.66 -31.51
CA LEU B 114 30.83 2.69 -31.71
C LEU B 114 30.75 3.28 -33.11
N LEU B 115 30.41 2.46 -34.11
CA LEU B 115 30.31 2.97 -35.47
C LEU B 115 29.17 3.96 -35.62
N GLY B 116 28.07 3.75 -34.90
CA GLY B 116 26.96 4.69 -34.94
C GLY B 116 27.10 5.86 -33.99
N MET B 117 28.08 5.82 -33.08
CA MET B 117 28.27 6.90 -32.12
C MET B 117 29.00 8.09 -32.73
N LEU B 118 29.83 7.86 -33.75
CA LEU B 118 30.59 8.94 -34.36
C LEU B 118 29.71 9.94 -35.10
N ALA B 119 28.49 9.55 -35.46
CA ALA B 119 27.64 10.41 -36.28
C ALA B 119 27.32 11.72 -35.58
N PHE B 120 27.10 11.69 -34.27
CA PHE B 120 26.72 12.92 -33.56
C PHE B 120 27.89 13.90 -33.46
N PRO B 121 29.10 13.50 -33.05
CA PRO B 121 30.22 14.45 -33.09
C PRO B 121 30.58 14.89 -34.50
N LEU B 122 30.41 14.00 -35.49
CA LEU B 122 30.70 14.39 -36.87
C LEU B 122 29.69 15.41 -37.37
N LEU B 123 28.44 15.33 -36.91
CA LEU B 123 27.43 16.31 -37.31
C LEU B 123 27.61 17.62 -36.56
N ALA B 124 28.01 17.56 -35.28
CA ALA B 124 28.20 18.77 -34.49
C ALA B 124 29.43 19.55 -34.92
N ALA B 125 30.41 18.89 -35.52
CA ALA B 125 31.62 19.58 -35.96
C ALA B 125 31.37 20.28 -37.29
N PRO B 126 31.66 21.58 -37.40
CA PRO B 126 31.43 22.27 -38.68
C PRO B 126 32.32 21.77 -39.80
N ALA B 127 33.47 21.17 -39.48
CA ALA B 127 34.37 20.69 -40.53
C ALA B 127 33.82 19.44 -41.20
N THR B 128 33.09 18.61 -40.46
CA THR B 128 32.54 17.37 -40.99
C THR B 128 31.04 17.42 -41.25
N ARG B 129 30.36 18.47 -40.80
CA ARG B 129 28.94 18.62 -41.14
C ARG B 129 28.74 18.73 -42.64
N ALA B 130 29.72 19.31 -43.34
CA ALA B 130 29.67 19.36 -44.79
C ALA B 130 29.92 17.98 -45.39
N ALA B 131 30.69 17.14 -44.69
CA ALA B 131 30.96 15.80 -45.19
C ALA B 131 29.75 14.88 -45.02
N LEU B 132 28.99 15.07 -43.94
CA LEU B 132 27.84 14.21 -43.66
C LEU B 132 26.78 14.34 -44.74
N CYS B 133 26.19 15.52 -44.88
CA CYS B 133 25.19 15.79 -45.92
C CYS B 133 25.19 17.28 -46.21
N GLY B 134 25.25 17.62 -47.50
CA GLY B 134 25.31 19.01 -47.95
C GLY B 134 26.25 19.85 -47.12
N SER B 135 25.76 21.00 -46.65
CA SER B 135 26.41 21.75 -45.59
C SER B 135 25.39 22.66 -44.93
N ALA B 136 24.86 22.23 -43.77
CA ALA B 136 23.70 22.87 -43.16
C ALA B 136 23.85 24.39 -43.05
N ARG B 137 22.98 25.13 -43.76
CA ARG B 137 23.08 26.58 -43.75
C ARG B 137 22.23 27.20 -42.65
N LEU B 138 21.08 26.60 -42.35
CA LEU B 138 20.16 27.12 -41.34
C LEU B 138 20.85 27.29 -40.00
N LEU B 139 20.91 28.53 -39.50
CA LEU B 139 21.57 28.81 -38.24
C LEU B 139 20.50 29.29 -37.25
N ASN B 140 19.69 30.28 -37.59
CA ASN B 140 18.69 30.80 -36.67
C ASN B 140 17.36 30.07 -36.86
N CYS B 141 17.36 28.98 -37.63
CA CYS B 141 16.17 28.18 -37.90
C CYS B 141 15.07 29.05 -38.54
N THR B 142 15.49 29.90 -39.47
CA THR B 142 14.53 30.77 -40.14
C THR B 142 13.63 30.00 -41.10
N ALA B 143 14.15 28.94 -41.71
CA ALA B 143 13.39 28.13 -42.65
C ALA B 143 13.90 26.69 -42.68
N ALA B 150 10.74 17.65 -44.01
CA ALA B 150 11.62 18.79 -43.84
C ALA B 150 12.69 18.51 -42.79
N ARG B 151 13.65 17.66 -43.14
CA ARG B 151 14.74 17.29 -42.25
C ARG B 151 16.06 17.37 -42.99
N CYS B 152 17.07 17.93 -42.34
CA CYS B 152 18.41 18.05 -42.89
C CYS B 152 19.29 16.94 -42.31
N CYS B 153 20.08 16.30 -43.17
CA CYS B 153 20.92 15.18 -42.77
C CYS B 153 20.10 14.08 -42.11
N SER B 154 18.88 13.88 -42.62
CA SER B 154 17.98 12.88 -42.04
C SER B 154 18.55 11.46 -42.13
N PRO B 155 19.05 10.98 -43.27
CA PRO B 155 19.57 9.61 -43.29
C PRO B 155 20.74 9.39 -42.35
N ALA B 156 21.61 10.39 -42.19
CA ALA B 156 22.76 10.25 -41.31
C ALA B 156 22.34 10.06 -39.86
N THR B 157 21.52 10.98 -39.35
CA THR B 157 21.10 10.88 -37.95
C THR B 157 20.20 9.68 -37.73
N PHE B 158 19.40 9.31 -38.72
CA PHE B 158 18.52 8.15 -38.56
C PHE B 158 19.32 6.86 -38.53
N ALA B 159 20.33 6.72 -39.41
CA ALA B 159 21.18 5.55 -39.36
C ALA B 159 21.98 5.50 -38.07
N GLY B 160 22.46 6.64 -37.60
CA GLY B 160 23.16 6.68 -36.32
C GLY B 160 22.27 6.25 -35.16
N LEU B 161 21.05 6.77 -35.11
CA LEU B 161 20.12 6.39 -34.05
C LEU B 161 19.77 4.90 -34.13
N VAL B 162 19.55 4.39 -35.35
CA VAL B 162 19.20 2.98 -35.50
C VAL B 162 20.34 2.09 -35.04
N LEU B 163 21.56 2.39 -35.46
CA LEU B 163 22.70 1.56 -35.08
C LEU B 163 22.98 1.65 -33.59
N VAL B 164 22.86 2.85 -33.01
CA VAL B 164 23.08 3.01 -31.57
C VAL B 164 22.01 2.25 -30.78
N GLY B 165 20.76 2.33 -31.23
CA GLY B 165 19.70 1.59 -30.54
C GLY B 165 19.89 0.09 -30.63
N LEU B 166 20.26 -0.41 -31.81
CA LEU B 166 20.49 -1.85 -31.96
C LEU B 166 21.68 -2.30 -31.12
N GLY B 167 22.72 -1.46 -31.03
CA GLY B 167 23.86 -1.79 -30.20
C GLY B 167 23.49 -1.88 -28.73
N VAL B 168 22.76 -0.89 -28.22
CA VAL B 168 22.31 -0.91 -26.84
C VAL B 168 21.39 -2.10 -26.60
N ALA B 169 20.54 -2.43 -27.58
CA ALA B 169 19.64 -3.55 -27.44
C ALA B 169 20.40 -4.87 -27.32
N THR B 170 21.40 -5.07 -28.17
CA THR B 170 22.15 -6.33 -28.14
C THR B 170 23.09 -6.38 -26.93
N VAL B 171 23.52 -5.22 -26.44
CA VAL B 171 24.40 -5.22 -25.28
C VAL B 171 23.62 -5.50 -24.00
N LYS B 172 22.53 -4.77 -23.75
CA LYS B 172 21.80 -4.90 -22.49
C LYS B 172 21.22 -6.31 -22.29
N ALA B 173 20.86 -6.99 -23.37
CA ALA B 173 20.30 -8.32 -23.25
C ALA B 173 21.36 -9.39 -23.07
N ASN B 174 22.62 -9.07 -23.34
CA ASN B 174 23.71 -10.03 -23.25
C ASN B 174 24.75 -9.69 -22.20
N ILE B 175 24.72 -8.50 -21.61
CA ILE B 175 25.73 -8.10 -20.65
C ILE B 175 25.38 -8.56 -19.23
N THR B 176 24.09 -8.70 -18.92
CA THR B 176 23.71 -9.14 -17.57
C THR B 176 23.85 -10.65 -17.41
N PRO B 177 23.45 -11.49 -18.38
CA PRO B 177 23.67 -12.93 -18.16
C PRO B 177 25.13 -13.33 -18.28
N PHE B 178 25.87 -12.76 -19.23
CA PHE B 178 27.29 -13.05 -19.35
C PHE B 178 28.05 -12.54 -18.12
N GLY B 179 27.63 -11.40 -17.58
CA GLY B 179 28.26 -10.89 -16.37
C GLY B 179 27.95 -11.75 -15.15
N ALA B 180 26.70 -12.21 -15.05
CA ALA B 180 26.32 -13.06 -13.92
C ALA B 180 26.88 -14.47 -14.05
N ASP B 181 27.33 -14.87 -15.24
CA ASP B 181 27.92 -16.19 -15.41
C ASP B 181 29.30 -16.30 -14.80
N GLN B 182 29.93 -15.18 -14.46
CA GLN B 182 31.26 -15.23 -13.85
C GLN B 182 31.21 -15.76 -12.42
N VAL B 183 30.07 -15.59 -11.75
CA VAL B 183 29.90 -16.05 -10.37
C VAL B 183 28.70 -16.99 -10.25
N LYS B 184 28.36 -17.69 -11.33
CA LYS B 184 27.19 -18.57 -11.30
C LYS B 184 27.47 -19.87 -10.54
N ASP B 185 28.75 -20.26 -10.45
CA ASP B 185 29.13 -21.50 -9.80
C ASP B 185 29.35 -21.34 -8.30
N ARG B 186 28.81 -20.28 -7.70
CA ARG B 186 28.96 -20.05 -6.27
C ARG B 186 27.61 -20.00 -5.54
N GLY B 187 26.50 -20.09 -6.25
CA GLY B 187 25.20 -20.04 -5.63
C GLY B 187 24.42 -18.80 -6.02
N PRO B 188 23.11 -18.81 -5.75
CA PRO B 188 22.30 -17.63 -6.08
C PRO B 188 22.68 -16.38 -5.31
N GLU B 189 23.23 -16.54 -4.10
CA GLU B 189 23.64 -15.37 -3.32
C GLU B 189 24.78 -14.62 -4.01
N ALA B 190 25.67 -15.34 -4.69
CA ALA B 190 26.74 -14.69 -5.43
C ALA B 190 26.19 -13.89 -6.60
N THR B 191 25.19 -14.44 -7.30
CA THR B 191 24.59 -13.72 -8.42
C THR B 191 23.84 -12.49 -7.93
N ARG B 192 23.19 -12.58 -6.77
CA ARG B 192 22.49 -11.42 -6.22
C ARG B 192 23.48 -10.35 -5.79
N ARG B 193 24.57 -10.76 -5.13
CA ARG B 193 25.60 -9.81 -4.72
C ARG B 193 26.25 -9.14 -5.93
N PHE B 194 26.43 -9.90 -7.01
CA PHE B 194 26.99 -9.30 -8.23
C PHE B 194 26.01 -8.34 -8.88
N PHE B 195 24.73 -8.71 -8.90
CA PHE B 195 23.72 -7.83 -9.51
C PHE B 195 23.57 -6.54 -8.72
N ASN B 196 23.80 -6.59 -7.41
CA ASN B 196 23.77 -5.36 -6.61
C ASN B 196 24.80 -4.35 -7.12
N TRP B 197 26.06 -4.76 -7.21
CA TRP B 197 27.10 -3.87 -7.72
C TRP B 197 26.94 -3.60 -9.21
N PHE B 198 26.27 -4.49 -9.94
CA PHE B 198 25.98 -4.22 -11.35
C PHE B 198 25.02 -3.04 -11.48
N TYR B 199 23.93 -3.06 -10.73
CA TYR B 199 23.02 -1.91 -10.68
C TYR B 199 23.72 -0.67 -10.16
N TRP B 200 24.62 -0.84 -9.19
CA TRP B 200 25.37 0.29 -8.67
C TRP B 200 26.25 0.93 -9.74
N SER B 201 26.92 0.10 -10.54
CA SER B 201 27.75 0.63 -11.63
C SER B 201 26.88 1.28 -12.70
N ILE B 202 25.75 0.71 -13.07
CA ILE B 202 24.78 1.30 -14.05
C ILE B 202 24.41 2.69 -13.62
N ASN B 203 24.01 2.94 -12.36
CA ASN B 203 23.68 4.28 -11.79
C ASN B 203 24.89 4.94 -11.14
N LEU B 204 26.10 4.88 -11.70
CA LEU B 204 27.32 5.63 -11.30
C LEU B 204 27.74 6.03 -12.69
N GLY B 205 27.54 5.17 -13.66
CA GLY B 205 27.73 5.67 -15.01
C GLY B 205 26.65 6.66 -15.42
N ALA B 206 25.41 6.42 -14.99
CA ALA B 206 24.32 7.35 -15.29
C ALA B 206 24.57 8.71 -14.65
N ILE B 207 25.09 8.72 -13.43
CA ILE B 207 25.39 9.98 -12.76
C ILE B 207 26.56 10.68 -13.44
N LEU B 208 27.59 9.93 -13.80
CA LEU B 208 28.74 10.53 -14.49
C LEU B 208 28.36 11.08 -15.85
N SER B 209 27.32 10.52 -16.47
CA SER B 209 26.88 11.02 -17.77
C SER B 209 25.96 12.23 -17.62
N LEU B 210 24.88 12.08 -16.84
CA LEU B 210 23.92 13.16 -16.67
C LEU B 210 24.52 14.36 -15.96
N GLY B 211 25.48 14.14 -15.07
CA GLY B 211 26.09 15.21 -14.32
C GLY B 211 27.19 15.93 -15.07
N GLY B 212 28.10 15.17 -15.67
CA GLY B 212 29.25 15.75 -16.35
C GLY B 212 29.07 15.97 -17.83
N ILE B 213 28.61 14.95 -18.54
CA ILE B 213 28.52 15.03 -20.00
C ILE B 213 27.41 15.98 -20.42
N ALA B 214 26.25 15.89 -19.76
CA ALA B 214 25.12 16.74 -20.14
C ALA B 214 25.40 18.20 -19.84
N TYR B 215 26.07 18.49 -18.72
CA TYR B 215 26.44 19.87 -18.42
C TYR B 215 27.41 20.42 -19.47
N ILE B 216 28.26 19.55 -20.02
CA ILE B 216 29.15 19.97 -21.09
C ILE B 216 28.37 20.20 -22.38
N GLN B 217 27.35 19.38 -22.64
CA GLN B 217 26.55 19.55 -23.85
C GLN B 217 25.63 20.76 -23.75
N GLN B 218 25.36 21.25 -22.54
CA GLN B 218 24.39 22.33 -22.37
C GLN B 218 25.02 23.71 -22.43
N ASN B 219 26.18 23.89 -21.79
CA ASN B 219 26.74 25.23 -21.60
C ASN B 219 28.04 25.47 -22.35
N VAL B 220 28.90 24.47 -22.50
CA VAL B 220 30.22 24.66 -23.09
C VAL B 220 30.24 23.90 -24.41
N SER B 221 31.38 23.94 -25.11
CA SER B 221 31.55 23.36 -26.45
C SER B 221 30.81 22.04 -26.61
N PHE B 222 30.05 21.93 -27.70
CA PHE B 222 29.14 20.82 -27.93
C PHE B 222 29.79 19.64 -28.64
N VAL B 223 30.78 19.91 -29.49
CA VAL B 223 31.46 18.83 -30.22
C VAL B 223 32.11 17.86 -29.24
N THR B 224 32.87 18.39 -28.28
CA THR B 224 33.42 17.55 -27.23
C THR B 224 32.31 16.94 -26.37
N GLY B 225 31.18 17.66 -26.23
CA GLY B 225 30.07 17.14 -25.47
C GLY B 225 29.53 15.84 -26.01
N TYR B 226 29.51 15.70 -27.34
CA TYR B 226 29.14 14.43 -27.95
C TYR B 226 30.33 13.51 -28.20
N ALA B 227 31.55 14.04 -28.18
CA ALA B 227 32.72 13.19 -28.40
C ALA B 227 33.08 12.40 -27.15
N ILE B 228 32.74 12.92 -25.96
CA ILE B 228 33.04 12.19 -24.73
C ILE B 228 32.33 10.84 -24.67
N PRO B 229 31.03 10.73 -24.95
CA PRO B 229 30.41 9.39 -24.95
C PRO B 229 31.00 8.44 -25.98
N THR B 230 31.45 8.96 -27.13
CA THR B 230 32.11 8.10 -28.10
C THR B 230 33.43 7.54 -27.56
N VAL B 231 34.19 8.39 -26.86
CA VAL B 231 35.41 7.91 -26.20
C VAL B 231 35.05 6.87 -25.15
N CYS B 232 33.93 7.05 -24.45
CA CYS B 232 33.48 6.06 -23.48
C CYS B 232 33.16 4.73 -24.14
N VAL B 233 32.52 4.77 -25.31
CA VAL B 233 32.22 3.54 -26.04
C VAL B 233 33.50 2.84 -26.48
N GLY B 234 34.46 3.61 -27.00
CA GLY B 234 35.72 3.02 -27.39
C GLY B 234 36.46 2.39 -26.22
N LEU B 235 36.45 3.08 -25.07
CA LEU B 235 37.11 2.54 -23.89
C LEU B 235 36.40 1.28 -23.40
N ALA B 236 35.06 1.24 -23.50
CA ALA B 236 34.33 0.04 -23.11
C ALA B 236 34.68 -1.13 -24.01
N PHE B 237 34.76 -0.89 -25.33
CA PHE B 237 35.16 -1.94 -26.25
C PHE B 237 36.56 -2.45 -25.94
N VAL B 238 37.50 -1.54 -25.69
CA VAL B 238 38.87 -1.94 -25.37
C VAL B 238 38.90 -2.73 -24.07
N VAL B 239 38.14 -2.29 -23.07
CA VAL B 239 38.13 -2.98 -21.77
C VAL B 239 37.57 -4.38 -21.93
N PHE B 240 36.49 -4.53 -22.69
CA PHE B 240 35.92 -5.86 -22.91
C PHE B 240 36.88 -6.75 -23.68
N LEU B 241 37.60 -6.18 -24.66
CA LEU B 241 38.55 -6.98 -25.44
C LEU B 241 39.70 -7.45 -24.57
N CYS B 242 40.19 -6.61 -23.66
CA CYS B 242 41.27 -7.03 -22.76
C CYS B 242 40.75 -8.02 -21.72
N GLY B 243 39.52 -7.84 -21.25
CA GLY B 243 38.95 -8.76 -20.28
C GLY B 243 38.45 -10.07 -20.86
N GLN B 244 38.44 -10.20 -22.18
CA GLN B 244 38.03 -11.46 -22.81
C GLN B 244 38.97 -12.61 -22.45
N SER B 245 40.22 -12.31 -22.08
CA SER B 245 41.19 -13.35 -21.75
C SER B 245 40.93 -14.00 -20.40
N VAL B 246 40.09 -13.42 -19.56
CA VAL B 246 39.76 -13.99 -18.25
C VAL B 246 38.28 -14.32 -18.10
N PHE B 247 37.46 -14.03 -19.11
CA PHE B 247 36.03 -14.33 -19.01
C PHE B 247 35.79 -15.82 -19.24
N ILE B 248 34.79 -16.36 -18.54
CA ILE B 248 34.35 -17.73 -18.74
C ILE B 248 33.17 -17.71 -19.69
N THR B 249 33.40 -18.12 -20.94
CA THR B 249 32.39 -18.08 -21.98
C THR B 249 31.70 -19.43 -22.11
N LYS B 250 30.64 -19.44 -22.92
CA LYS B 250 29.85 -20.64 -23.19
C LYS B 250 29.71 -20.82 -24.69
N PRO B 251 29.92 -22.04 -25.18
CA PRO B 251 29.79 -22.29 -26.63
C PRO B 251 28.37 -22.09 -27.09
N PRO B 252 28.17 -21.61 -28.32
CA PRO B 252 26.81 -21.37 -28.81
C PRO B 252 26.04 -22.67 -29.00
N ASP B 253 24.72 -22.56 -28.85
CA ASP B 253 23.80 -23.70 -29.02
C ASP B 253 22.80 -23.33 -30.11
N GLY B 254 23.09 -23.74 -31.34
CA GLY B 254 22.23 -23.37 -32.46
C GLY B 254 20.96 -24.19 -32.53
N SER B 255 21.03 -25.45 -32.11
CA SER B 255 19.87 -26.35 -32.17
C SER B 255 19.15 -26.33 -30.82
N ALA B 256 18.69 -25.12 -30.47
CA ALA B 256 17.96 -24.92 -29.22
C ALA B 256 16.62 -24.24 -29.48
N PHE B 257 16.60 -23.30 -30.44
CA PHE B 257 15.37 -22.60 -30.78
C PHE B 257 14.56 -23.33 -31.84
N THR B 258 15.20 -24.16 -32.66
CA THR B 258 14.45 -24.93 -33.65
C THR B 258 13.60 -26.01 -33.00
N ASP B 259 13.87 -26.35 -31.73
CA ASP B 259 13.11 -27.37 -31.02
C ASP B 259 12.02 -26.79 -30.13
N MET B 260 11.44 -25.66 -30.52
CA MET B 260 10.32 -25.07 -29.78
C MET B 260 9.01 -25.62 -30.35
N PHE B 261 8.81 -26.91 -30.12
CA PHE B 261 7.63 -27.60 -30.65
C PHE B 261 6.37 -27.06 -30.00
N LYS B 262 5.32 -26.89 -30.82
CA LYS B 262 4.05 -26.37 -30.36
C LYS B 262 2.89 -27.25 -30.84
N ILE B 263 3.19 -28.47 -31.26
CA ILE B 263 2.17 -29.45 -31.62
C ILE B 263 2.32 -30.66 -30.69
N LEU B 264 1.27 -30.94 -29.92
CA LEU B 264 1.30 -32.04 -28.96
C LEU B 264 -0.04 -32.76 -28.93
N PHE B 307 11.13 -36.86 -29.70
CA PHE B 307 10.78 -36.61 -28.30
C PHE B 307 12.03 -36.67 -27.43
N THR B 308 13.03 -35.87 -27.77
CA THR B 308 14.29 -35.84 -27.04
C THR B 308 14.04 -35.18 -25.67
N GLU B 309 14.84 -35.52 -24.66
CA GLU B 309 14.66 -35.03 -23.31
C GLU B 309 15.50 -33.78 -23.10
N GLU B 310 15.17 -33.03 -22.05
CA GLU B 310 15.83 -31.78 -21.64
C GLU B 310 15.48 -30.65 -22.60
N LYS B 311 14.75 -30.96 -23.67
CA LYS B 311 14.20 -29.94 -24.54
C LYS B 311 12.72 -29.70 -24.30
N VAL B 312 12.03 -30.65 -23.65
CA VAL B 312 10.68 -30.39 -23.18
C VAL B 312 10.71 -29.46 -21.97
N GLU B 313 11.69 -29.64 -21.09
CA GLU B 313 11.78 -28.81 -19.89
C GLU B 313 12.10 -27.36 -20.24
N ASP B 314 12.82 -27.14 -21.35
CA ASP B 314 13.13 -25.78 -21.77
C ASP B 314 11.90 -25.03 -22.23
N VAL B 315 10.85 -25.73 -22.65
CA VAL B 315 9.59 -25.08 -23.01
C VAL B 315 8.67 -24.96 -21.80
N LYS B 316 8.70 -25.95 -20.91
CA LYS B 316 7.89 -25.88 -19.69
C LYS B 316 8.37 -24.76 -18.77
N ALA B 317 9.68 -24.51 -18.74
CA ALA B 317 10.23 -23.43 -17.95
C ALA B 317 10.15 -22.08 -18.66
N LEU B 318 9.66 -22.06 -19.90
CA LEU B 318 9.50 -20.84 -20.67
C LEU B 318 8.05 -20.36 -20.71
N VAL B 319 7.10 -21.29 -20.83
CA VAL B 319 5.69 -20.89 -20.87
C VAL B 319 5.19 -20.50 -19.49
N LYS B 320 5.93 -20.87 -18.43
CA LYS B 320 5.51 -20.55 -17.08
C LYS B 320 5.98 -19.18 -16.61
N ILE B 321 7.01 -18.61 -17.24
CA ILE B 321 7.49 -17.28 -16.86
C ILE B 321 6.85 -16.17 -17.69
N VAL B 322 5.98 -16.49 -18.63
CA VAL B 322 5.32 -15.46 -19.43
C VAL B 322 4.30 -14.66 -18.61
N PRO B 323 3.41 -15.28 -17.82
CA PRO B 323 2.46 -14.47 -17.04
C PRO B 323 3.14 -13.55 -16.03
N VAL B 324 4.31 -13.91 -15.52
CA VAL B 324 5.03 -13.04 -14.60
C VAL B 324 5.40 -11.74 -15.31
N PHE B 325 5.95 -11.84 -16.51
CA PHE B 325 6.31 -10.65 -17.27
C PHE B 325 5.06 -9.88 -17.69
N LEU B 326 3.97 -10.61 -18.02
CA LEU B 326 2.72 -9.93 -18.39
C LEU B 326 2.18 -9.11 -17.24
N ALA B 327 2.27 -9.63 -16.01
CA ALA B 327 1.86 -8.86 -14.84
C ALA B 327 2.85 -7.80 -14.45
N LEU B 328 4.12 -7.94 -14.85
CA LEU B 328 5.11 -6.90 -14.61
C LEU B 328 5.00 -5.74 -15.60
N ILE B 329 4.36 -5.96 -16.75
CA ILE B 329 4.19 -4.89 -17.73
C ILE B 329 3.57 -3.63 -17.11
N PRO B 330 2.44 -3.70 -16.41
CA PRO B 330 1.89 -2.46 -15.82
C PRO B 330 2.78 -1.87 -14.73
N TYR B 331 3.60 -2.68 -14.08
CA TYR B 331 4.59 -2.12 -13.15
C TYR B 331 5.59 -1.24 -13.90
N TRP B 332 6.05 -1.70 -15.07
CA TRP B 332 6.92 -0.86 -15.89
C TRP B 332 6.18 0.40 -16.36
N THR B 333 4.89 0.25 -16.70
CA THR B 333 4.08 1.40 -17.07
C THR B 333 4.09 2.46 -15.97
N VAL B 334 3.75 2.04 -14.75
CA VAL B 334 3.67 2.97 -13.63
C VAL B 334 5.04 3.59 -13.35
N TYR B 335 6.15 2.87 -13.31
CA TYR B 335 7.52 3.39 -13.03
C TYR B 335 8.09 4.24 -14.13
N PHE B 336 7.73 3.99 -15.39
CA PHE B 336 8.18 4.90 -16.43
C PHE B 336 7.40 6.22 -16.41
N GLN B 337 6.08 6.15 -16.22
CA GLN B 337 5.29 7.37 -16.11
C GLN B 337 5.69 8.16 -14.87
N MET B 338 6.05 7.46 -13.79
CA MET B 338 6.54 8.15 -12.60
C MET B 338 7.89 8.82 -12.85
N GLN B 339 8.78 8.14 -13.56
CA GLN B 339 10.09 8.74 -13.87
C GLN B 339 9.93 9.99 -14.73
N THR B 340 8.95 9.99 -15.64
CA THR B 340 8.72 11.18 -16.45
C THR B 340 8.10 12.31 -15.61
N THR B 341 6.99 12.01 -14.93
CA THR B 341 6.25 13.03 -14.19
C THR B 341 7.00 13.55 -12.96
N TYR B 342 7.91 12.77 -12.40
CA TYR B 342 8.69 13.25 -11.26
C TYR B 342 9.63 14.37 -11.67
N VAL B 343 10.34 14.19 -12.79
CA VAL B 343 11.19 15.26 -13.31
C VAL B 343 10.33 16.42 -13.78
N LEU B 344 9.18 16.13 -14.39
CA LEU B 344 8.28 17.21 -14.82
C LEU B 344 7.82 18.06 -13.63
N GLN B 345 7.52 17.41 -12.50
CA GLN B 345 7.12 18.16 -11.31
C GLN B 345 8.31 18.87 -10.68
N SER B 346 9.49 18.24 -10.72
CA SER B 346 10.69 18.88 -10.19
C SER B 346 11.04 20.14 -10.97
N LEU B 347 10.64 20.20 -12.24
CA LEU B 347 10.85 21.42 -13.02
C LEU B 347 10.02 22.59 -12.49
N HIS B 348 8.96 22.32 -11.74
CA HIS B 348 8.07 23.35 -11.22
C HIS B 348 8.24 23.59 -9.72
N LEU B 349 9.42 23.32 -9.18
CA LEU B 349 9.73 23.59 -7.78
C LEU B 349 10.87 24.58 -7.68
N ARG B 350 11.04 25.14 -6.49
CA ARG B 350 12.11 26.10 -6.25
C ARG B 350 13.44 25.37 -6.20
N ILE B 351 14.29 25.60 -7.19
CA ILE B 351 15.60 24.97 -7.30
C ILE B 351 16.65 26.01 -6.91
N PRO B 352 17.52 25.73 -5.94
CA PRO B 352 18.54 26.70 -5.56
C PRO B 352 19.58 26.87 -6.65
N GLU B 353 20.15 28.07 -6.71
CA GLU B 353 21.15 28.40 -7.72
C GLU B 353 22.55 28.11 -7.20
N ILE B 354 23.30 27.32 -7.96
CA ILE B 354 24.74 27.13 -7.67
C ILE B 354 25.41 28.46 -7.96
N SER B 355 26.36 28.82 -7.11
CA SER B 355 26.98 30.15 -7.04
C SER B 355 27.34 30.62 -8.45
N ASN B 356 28.23 29.94 -9.16
CA ASN B 356 28.66 30.38 -10.49
C ASN B 356 28.67 29.24 -11.50
N ILE B 357 27.78 28.26 -11.33
CA ILE B 357 27.68 27.15 -12.27
C ILE B 357 26.41 27.21 -13.11
N THR B 358 25.28 27.62 -12.54
CA THR B 358 24.02 27.71 -13.27
C THR B 358 23.60 29.14 -13.56
N THR B 359 24.37 30.14 -13.12
CA THR B 359 24.05 31.53 -13.36
C THR B 359 24.56 31.95 -14.74
N THR B 360 24.54 33.24 -15.02
CA THR B 360 24.97 33.74 -16.32
C THR B 360 26.46 33.44 -16.53
N PRO B 361 26.88 33.03 -17.74
CA PRO B 361 25.99 32.84 -18.89
C PRO B 361 25.55 31.39 -19.07
N HIS B 362 25.75 30.56 -18.05
CA HIS B 362 25.42 29.15 -18.13
C HIS B 362 23.98 28.93 -17.67
N THR B 363 23.58 27.66 -17.55
CA THR B 363 22.24 27.31 -17.10
C THR B 363 22.27 25.93 -16.48
N LEU B 364 21.27 25.65 -15.65
CA LEU B 364 21.18 24.37 -14.96
C LEU B 364 20.62 23.30 -15.88
N PRO B 365 21.35 22.20 -16.12
CA PRO B 365 20.80 21.13 -16.96
C PRO B 365 19.69 20.38 -16.25
N ALA B 366 18.76 19.84 -17.06
CA ALA B 366 17.68 19.03 -16.52
C ALA B 366 18.14 17.62 -16.16
N ALA B 367 19.26 17.18 -16.76
CA ALA B 367 19.80 15.87 -16.43
C ALA B 367 20.18 15.73 -14.97
N TRP B 368 20.47 16.86 -14.29
CA TRP B 368 20.71 16.80 -12.86
C TRP B 368 19.41 16.55 -12.08
N LEU B 369 18.33 17.22 -12.47
CA LEU B 369 17.02 16.90 -11.90
C LEU B 369 16.63 15.46 -12.18
N THR B 370 17.16 14.87 -13.25
CA THR B 370 16.88 13.47 -13.55
C THR B 370 17.76 12.55 -12.71
N MET B 371 19.03 12.93 -12.50
CA MET B 371 19.94 12.14 -11.67
C MET B 371 19.65 12.29 -10.18
N PHE B 372 18.70 13.16 -9.82
CA PHE B 372 18.27 13.32 -8.43
C PHE B 372 17.86 11.99 -7.80
N ASP B 373 17.61 10.95 -8.58
CA ASP B 373 17.18 9.60 -8.08
C ASP B 373 18.23 8.54 -8.32
N ALA B 374 19.15 8.76 -9.26
CA ALA B 374 20.30 7.88 -9.37
C ALA B 374 21.31 8.12 -8.25
N VAL B 375 21.43 9.38 -7.80
CA VAL B 375 22.32 9.68 -6.69
C VAL B 375 21.85 8.96 -5.42
N LEU B 376 20.55 9.01 -5.15
CA LEU B 376 20.01 8.32 -3.99
C LEU B 376 20.21 6.82 -4.10
N ILE B 377 20.05 6.27 -5.30
CA ILE B 377 20.25 4.83 -5.49
C ILE B 377 21.71 4.45 -5.23
N LEU B 378 22.63 5.26 -5.74
CA LEU B 378 24.05 5.04 -5.54
C LEU B 378 24.39 5.06 -4.05
N LEU B 379 23.75 5.96 -3.30
CA LEU B 379 23.99 6.03 -1.87
C LEU B 379 23.37 4.83 -1.16
N LEU B 380 22.21 4.37 -1.63
CA LEU B 380 21.44 3.34 -0.94
C LEU B 380 22.04 1.94 -1.10
N ILE B 381 22.48 1.60 -2.30
CA ILE B 381 22.90 0.24 -2.64
C ILE B 381 23.94 -0.32 -1.68
N PRO B 382 25.03 0.42 -1.34
CA PRO B 382 26.02 -0.15 -0.41
C PRO B 382 25.43 -0.48 0.96
N LEU B 383 24.39 0.22 1.36
CA LEU B 383 23.72 -0.07 2.63
C LEU B 383 22.90 -1.35 2.56
N LYS B 384 22.32 -1.65 1.40
CA LYS B 384 21.56 -2.88 1.25
C LYS B 384 22.48 -4.08 1.12
N ASP B 385 23.61 -3.92 0.43
CA ASP B 385 24.51 -5.05 0.21
C ASP B 385 25.24 -5.45 1.48
N LYS B 386 25.42 -4.52 2.42
CA LYS B 386 26.20 -4.78 3.62
C LYS B 386 25.37 -4.98 4.87
N LEU B 387 24.17 -4.38 4.95
CA LEU B 387 23.36 -4.43 6.17
C LEU B 387 22.04 -5.15 5.95
N VAL B 388 21.29 -4.79 4.91
CA VAL B 388 19.95 -5.35 4.73
C VAL B 388 20.03 -6.81 4.32
N ASP B 389 20.87 -7.11 3.32
CA ASP B 389 20.96 -8.48 2.81
C ASP B 389 21.43 -9.48 3.86
N PRO B 390 22.49 -9.23 4.64
CA PRO B 390 22.87 -10.22 5.65
C PRO B 390 21.80 -10.45 6.71
N ILE B 391 21.11 -9.40 7.13
CA ILE B 391 20.05 -9.55 8.13
C ILE B 391 18.90 -10.36 7.55
N LEU B 392 18.46 -10.04 6.33
CA LEU B 392 17.37 -10.79 5.72
C LEU B 392 17.76 -12.24 5.46
N ARG B 393 19.06 -12.50 5.23
CA ARG B 393 19.51 -13.87 5.01
C ARG B 393 19.55 -14.65 6.32
N ARG B 394 20.04 -14.02 7.39
CA ARG B 394 20.15 -14.68 8.69
C ARG B 394 18.83 -14.70 9.45
N HIS B 395 17.78 -14.07 8.92
CA HIS B 395 16.47 -14.12 9.55
C HIS B 395 15.43 -14.80 8.68
N GLY B 396 15.82 -15.35 7.53
CA GLY B 396 14.88 -16.05 6.66
C GLY B 396 13.81 -15.18 6.07
N LEU B 397 14.09 -13.89 5.87
CA LEU B 397 13.12 -12.95 5.32
C LEU B 397 13.44 -12.67 3.86
N LEU B 398 12.42 -12.73 3.00
CA LEU B 398 12.53 -12.48 1.57
C LEU B 398 13.57 -13.39 0.94
N PRO B 399 13.32 -14.70 0.84
CA PRO B 399 14.31 -15.59 0.23
C PRO B 399 14.22 -15.66 -1.29
N SER B 400 13.08 -15.29 -1.88
CA SER B 400 12.88 -15.34 -3.31
C SER B 400 12.86 -13.92 -3.90
N SER B 401 13.11 -13.83 -5.20
CA SER B 401 13.15 -12.53 -5.86
C SER B 401 11.75 -11.96 -6.07
N LEU B 402 10.75 -12.82 -6.22
CA LEU B 402 9.39 -12.33 -6.49
C LEU B 402 8.83 -11.56 -5.30
N LYS B 403 9.14 -12.02 -4.08
CA LYS B 403 8.71 -11.29 -2.89
C LYS B 403 9.37 -9.92 -2.81
N ARG B 404 10.65 -9.85 -3.19
CA ARG B 404 11.32 -8.56 -3.23
C ARG B 404 10.71 -7.65 -4.30
N ILE B 405 10.28 -8.22 -5.43
CA ILE B 405 9.59 -7.44 -6.44
C ILE B 405 8.28 -6.90 -5.90
N ALA B 406 7.55 -7.71 -5.14
CA ALA B 406 6.30 -7.25 -4.53
C ALA B 406 6.56 -6.13 -3.54
N VAL B 407 7.61 -6.24 -2.73
CA VAL B 407 7.96 -5.18 -1.79
C VAL B 407 8.32 -3.90 -2.55
N GLY B 408 9.04 -4.04 -3.66
CA GLY B 408 9.38 -2.88 -4.45
C GLY B 408 8.15 -2.20 -5.06
N MET B 409 7.18 -3.00 -5.50
CA MET B 409 5.95 -2.43 -6.04
C MET B 409 5.14 -1.73 -4.95
N PHE B 410 5.15 -2.29 -3.73
CA PHE B 410 4.51 -1.63 -2.60
C PHE B 410 5.17 -0.28 -2.33
N PHE B 411 6.50 -0.23 -2.33
CA PHE B 411 7.18 1.05 -2.16
C PHE B 411 6.90 2.00 -3.32
N VAL B 412 6.70 1.47 -4.52
CA VAL B 412 6.38 2.31 -5.68
C VAL B 412 5.03 2.98 -5.48
N MET B 413 4.02 2.21 -5.07
CA MET B 413 2.71 2.82 -4.85
C MET B 413 2.73 3.78 -3.66
N CYS B 414 3.54 3.49 -2.64
CA CYS B 414 3.69 4.44 -1.54
C CYS B 414 4.31 5.75 -2.02
N SER B 415 5.32 5.67 -2.88
CA SER B 415 5.92 6.87 -3.43
C SER B 415 4.95 7.63 -4.32
N ALA B 416 4.11 6.91 -5.06
CA ALA B 416 3.11 7.56 -5.89
C ALA B 416 2.11 8.33 -5.03
N PHE B 417 1.68 7.74 -3.91
CA PHE B 417 0.78 8.44 -3.00
C PHE B 417 1.46 9.66 -2.39
N ALA B 418 2.72 9.52 -2.00
CA ALA B 418 3.45 10.66 -1.43
C ALA B 418 3.61 11.78 -2.45
N ALA B 419 3.89 11.43 -3.71
CA ALA B 419 4.00 12.43 -4.76
C ALA B 419 2.66 13.10 -5.02
N GLY B 420 1.57 12.35 -4.92
CA GLY B 420 0.25 12.95 -5.05
C GLY B 420 -0.04 13.95 -3.95
N ILE B 421 0.36 13.62 -2.71
CA ILE B 421 0.19 14.54 -1.59
C ILE B 421 1.02 15.80 -1.83
N LEU B 422 2.27 15.62 -2.26
CA LEU B 422 3.15 16.77 -2.49
C LEU B 422 2.63 17.65 -3.61
N GLU B 423 2.06 17.05 -4.66
CA GLU B 423 1.51 17.84 -5.75
C GLU B 423 0.22 18.55 -5.33
N SER B 424 -0.59 17.90 -4.49
CA SER B 424 -1.78 18.56 -3.97
C SER B 424 -1.42 19.77 -3.12
N LYS B 425 -0.30 19.66 -2.37
CA LYS B 425 0.16 20.82 -1.60
C LYS B 425 0.77 21.87 -2.51
N ARG B 426 1.44 21.45 -3.59
CA ARG B 426 2.09 22.41 -4.48
C ARG B 426 1.06 23.16 -5.34
N LEU B 427 0.00 22.47 -5.76
CA LEU B 427 -1.01 23.10 -6.61
C LEU B 427 -1.78 24.20 -5.90
N ASN B 428 -1.73 24.24 -4.57
CA ASN B 428 -2.40 25.30 -3.83
C ASN B 428 -1.52 26.54 -3.69
N LEU B 429 -0.20 26.38 -3.85
CA LEU B 429 0.70 27.52 -3.72
C LEU B 429 0.83 28.32 -5.01
N VAL B 430 0.68 27.67 -6.17
CA VAL B 430 0.79 28.36 -7.44
C VAL B 430 -0.37 29.32 -7.66
N LYS B 431 -1.49 29.13 -6.96
CA LYS B 431 -2.62 30.04 -7.11
C LYS B 431 -2.35 31.39 -6.45
N GLU B 432 -1.44 31.43 -5.48
CA GLU B 432 -1.11 32.66 -4.76
C GLU B 432 0.10 33.36 -5.35
N LYS B 433 1.25 32.68 -5.39
CA LYS B 433 2.49 33.28 -5.86
C LYS B 433 3.30 32.27 -6.64
N THR B 434 3.81 32.69 -7.80
CA THR B 434 4.66 31.86 -8.64
C THR B 434 5.97 32.61 -8.90
N ILE B 435 7.08 31.88 -8.84
CA ILE B 435 8.41 32.42 -9.10
C ILE B 435 8.90 31.85 -10.42
N ASN B 436 9.64 32.66 -11.17
CA ASN B 436 10.16 32.25 -12.48
C ASN B 436 11.59 31.75 -12.34
N GLN B 437 11.87 30.63 -12.99
CA GLN B 437 13.21 30.05 -13.00
C GLN B 437 13.52 29.52 -14.40
N THR B 438 14.80 29.54 -14.75
CA THR B 438 15.26 29.10 -16.06
C THR B 438 16.13 27.85 -15.88
N ILE B 439 15.74 26.76 -16.55
CA ILE B 439 16.48 25.51 -16.46
C ILE B 439 16.99 25.14 -17.85
N GLY B 440 16.07 24.85 -18.77
CA GLY B 440 16.44 24.52 -20.12
C GLY B 440 16.41 25.73 -21.04
N ASN B 441 16.96 26.85 -20.57
CA ASN B 441 16.89 28.12 -21.28
C ASN B 441 15.45 28.53 -21.54
N VAL B 442 14.54 28.03 -20.70
CA VAL B 442 13.11 28.34 -20.78
C VAL B 442 12.63 28.68 -19.38
N VAL B 443 11.59 29.51 -19.32
CA VAL B 443 11.08 30.00 -18.03
C VAL B 443 10.03 29.03 -17.50
N TYR B 444 10.17 28.65 -16.23
CA TYR B 444 9.22 27.80 -15.54
C TYR B 444 8.63 28.57 -14.38
N HIS B 445 7.30 28.51 -14.23
CA HIS B 445 6.60 29.20 -13.16
C HIS B 445 6.49 28.25 -11.97
N ALA B 446 7.57 28.17 -11.21
CA ALA B 446 7.64 27.30 -10.05
C ALA B 446 6.94 27.93 -8.85
N ALA B 447 6.63 27.09 -7.88
CA ALA B 447 5.99 27.54 -6.65
C ALA B 447 7.03 27.81 -5.57
N ASP B 448 6.60 28.50 -4.51
CA ASP B 448 7.46 28.82 -3.38
C ASP B 448 7.55 27.62 -2.44
N LEU B 449 8.19 26.57 -2.95
CA LEU B 449 8.38 25.34 -2.19
C LEU B 449 9.72 24.73 -2.57
N SER B 450 10.52 24.40 -1.57
CA SER B 450 11.86 23.89 -1.82
C SER B 450 11.81 22.55 -2.55
N LEU B 451 12.80 22.34 -3.42
CA LEU B 451 12.90 21.08 -4.15
C LEU B 451 13.18 19.90 -3.23
N TRP B 452 13.76 20.14 -2.05
CA TRP B 452 14.10 19.07 -1.13
C TRP B 452 12.88 18.41 -0.50
N TRP B 453 11.67 18.90 -0.78
CA TRP B 453 10.46 18.21 -0.33
C TRP B 453 10.19 16.94 -1.12
N GLN B 454 10.87 16.74 -2.25
CA GLN B 454 10.79 15.50 -3.01
C GLN B 454 11.67 14.41 -2.44
N VAL B 455 12.37 14.67 -1.33
CA VAL B 455 13.29 13.68 -0.77
C VAL B 455 12.57 12.40 -0.34
N PRO B 456 11.43 12.44 0.35
CA PRO B 456 10.76 11.17 0.69
C PRO B 456 10.26 10.40 -0.53
N GLN B 457 9.65 11.09 -1.49
CA GLN B 457 9.14 10.41 -2.67
C GLN B 457 10.24 9.82 -3.53
N TYR B 458 11.47 10.34 -3.42
CA TYR B 458 12.60 9.75 -4.12
C TYR B 458 13.30 8.68 -3.31
N LEU B 459 13.32 8.81 -1.98
CA LEU B 459 13.84 7.74 -1.14
C LEU B 459 12.99 6.48 -1.27
N LEU B 460 11.68 6.65 -1.45
CA LEU B 460 10.80 5.48 -1.59
C LEU B 460 11.07 4.73 -2.89
N ILE B 461 11.23 5.46 -4.00
CA ILE B 461 11.57 4.78 -5.25
C ILE B 461 12.99 4.24 -5.20
N GLY B 462 13.86 4.86 -4.40
CA GLY B 462 15.19 4.31 -4.21
C GLY B 462 15.16 2.97 -3.50
N ILE B 463 14.31 2.87 -2.47
CA ILE B 463 14.13 1.58 -1.78
C ILE B 463 13.45 0.59 -2.72
N SER B 464 12.56 1.07 -3.59
CA SER B 464 11.84 0.18 -4.48
C SER B 464 12.75 -0.42 -5.55
N GLU B 465 13.43 0.36 -6.34
CA GLU B 465 14.40 -0.16 -7.34
C GLU B 465 15.43 -1.11 -6.75
N ILE B 466 16.06 -0.85 -5.61
CA ILE B 466 16.99 -1.81 -5.04
C ILE B 466 16.30 -3.07 -4.55
N PHE B 467 14.96 -3.08 -4.49
CA PHE B 467 14.19 -4.24 -4.09
C PHE B 467 13.45 -4.90 -5.25
N ALA B 468 13.07 -4.13 -6.27
CA ALA B 468 12.30 -4.69 -7.37
C ALA B 468 13.13 -4.91 -8.62
N SER B 469 14.04 -3.98 -8.95
CA SER B 469 14.78 -4.09 -10.20
C SER B 469 15.86 -5.16 -10.13
N ILE B 470 16.67 -5.14 -9.07
CA ILE B 470 17.69 -6.18 -8.91
C ILE B 470 17.03 -7.55 -8.79
N ALA B 471 15.92 -7.63 -8.06
CA ALA B 471 15.20 -8.89 -7.93
C ALA B 471 14.65 -9.36 -9.27
N GLY B 472 14.11 -8.43 -10.07
CA GLY B 472 13.63 -8.82 -11.39
C GLY B 472 14.74 -9.28 -12.30
N LEU B 473 15.90 -8.64 -12.22
CA LEU B 473 17.04 -9.04 -13.05
C LEU B 473 17.52 -10.43 -12.67
N GLU B 474 17.69 -10.70 -11.37
CA GLU B 474 18.15 -12.01 -10.95
C GLU B 474 17.08 -13.07 -11.17
N PHE B 475 15.81 -12.67 -11.18
CA PHE B 475 14.75 -13.62 -11.50
C PHE B 475 14.77 -13.99 -12.97
N ALA B 476 14.90 -13.00 -13.85
CA ALA B 476 15.01 -13.27 -15.28
C ALA B 476 16.27 -14.07 -15.59
N TYR B 477 17.31 -13.93 -14.78
CA TYR B 477 18.53 -14.70 -14.99
C TYR B 477 18.39 -16.13 -14.46
N SER B 478 17.69 -16.30 -13.33
CA SER B 478 17.60 -17.60 -12.70
C SER B 478 16.46 -18.45 -13.25
N ALA B 479 15.31 -17.84 -13.54
CA ALA B 479 14.16 -18.57 -14.04
C ALA B 479 14.29 -18.94 -15.51
N ALA B 480 15.35 -18.50 -16.19
CA ALA B 480 15.55 -18.83 -17.58
C ALA B 480 16.29 -20.16 -17.72
N PRO B 481 15.99 -20.92 -18.78
CA PRO B 481 16.74 -22.16 -19.00
C PRO B 481 18.21 -21.88 -19.27
N LYS B 482 19.04 -22.89 -18.99
CA LYS B 482 20.49 -22.72 -19.16
C LYS B 482 20.85 -22.45 -20.62
N SER B 483 20.08 -23.00 -21.56
CA SER B 483 20.37 -22.78 -22.97
C SER B 483 19.89 -21.41 -23.42
N MET B 484 18.72 -20.98 -22.96
CA MET B 484 18.12 -19.71 -23.37
C MET B 484 18.14 -18.77 -22.17
N GLN B 485 19.17 -17.94 -22.10
CA GLN B 485 19.30 -16.92 -21.06
C GLN B 485 19.26 -15.51 -21.62
N SER B 486 20.09 -15.22 -22.63
CA SER B 486 20.10 -13.89 -23.23
C SER B 486 18.78 -13.60 -23.93
N ALA B 487 18.15 -14.62 -24.52
CA ALA B 487 16.85 -14.42 -25.15
C ALA B 487 15.78 -14.08 -24.12
N ILE B 488 15.81 -14.73 -22.96
CA ILE B 488 14.84 -14.44 -21.91
C ILE B 488 15.08 -13.04 -21.33
N MET B 489 16.35 -12.65 -21.19
CA MET B 489 16.63 -11.30 -20.72
C MET B 489 16.18 -10.26 -21.73
N GLY B 490 16.35 -10.55 -23.02
CA GLY B 490 15.86 -9.65 -24.05
C GLY B 490 14.35 -9.54 -24.05
N LEU B 491 13.66 -10.67 -23.83
CA LEU B 491 12.20 -10.62 -23.69
C LEU B 491 11.78 -9.83 -22.46
N PHE B 492 12.56 -9.92 -21.38
CA PHE B 492 12.29 -9.13 -20.18
C PHE B 492 12.37 -7.65 -20.48
N PHE B 493 13.46 -7.22 -21.15
CA PHE B 493 13.58 -5.81 -21.51
C PHE B 493 12.53 -5.39 -22.53
N PHE B 494 12.14 -6.30 -23.42
CA PHE B 494 11.10 -5.98 -24.39
C PHE B 494 9.76 -5.76 -23.72
N PHE B 495 9.45 -6.59 -22.71
CA PHE B 495 8.20 -6.38 -21.96
C PHE B 495 8.27 -5.11 -21.12
N SER B 496 9.47 -4.75 -20.64
CA SER B 496 9.62 -3.46 -19.98
C SER B 496 9.32 -2.31 -20.96
N GLY B 497 9.81 -2.42 -22.19
CA GLY B 497 9.50 -1.41 -23.19
C GLY B 497 8.03 -1.39 -23.57
N VAL B 498 7.40 -2.56 -23.61
CA VAL B 498 5.96 -2.62 -23.85
C VAL B 498 5.20 -1.90 -22.73
N GLY B 499 5.64 -2.10 -21.49
CA GLY B 499 5.05 -1.35 -20.39
C GLY B 499 5.27 0.14 -20.53
N SER B 500 6.45 0.55 -21.01
CA SER B 500 6.71 1.97 -21.22
C SER B 500 5.77 2.56 -22.26
N PHE B 501 5.54 1.82 -23.36
CA PHE B 501 4.64 2.31 -24.40
C PHE B 501 3.19 2.33 -23.90
N VAL B 502 2.82 1.35 -23.07
CA VAL B 502 1.49 1.36 -22.48
C VAL B 502 1.33 2.56 -21.55
N GLY B 503 2.41 2.92 -20.84
CA GLY B 503 2.35 4.10 -20.00
C GLY B 503 2.22 5.38 -20.80
N SER B 504 2.91 5.45 -21.95
CA SER B 504 2.74 6.59 -22.84
C SER B 504 1.31 6.68 -23.36
N GLY B 505 0.73 5.54 -23.72
CA GLY B 505 -0.66 5.54 -24.16
C GLY B 505 -1.62 5.93 -23.05
N LEU B 506 -1.31 5.54 -21.82
CA LEU B 506 -2.14 5.93 -20.69
C LEU B 506 -2.05 7.42 -20.42
N LEU B 507 -0.84 7.98 -20.53
CA LEU B 507 -0.68 9.42 -20.39
C LEU B 507 -1.44 10.17 -21.47
N ALA B 508 -1.42 9.64 -22.70
CA ALA B 508 -2.21 10.23 -23.78
C ALA B 508 -3.71 10.01 -23.60
N LEU B 509 -4.10 9.00 -22.82
CA LEU B 509 -5.52 8.72 -22.61
C LEU B 509 -6.16 9.72 -21.65
N VAL B 510 -5.46 10.06 -20.56
CA VAL B 510 -6.00 11.01 -19.59
C VAL B 510 -5.96 12.44 -20.08
N SER B 511 -5.31 12.70 -21.21
CA SER B 511 -5.20 14.06 -21.76
C SER B 511 -6.32 14.41 -22.72
N ILE B 512 -7.34 13.55 -22.84
CA ILE B 512 -8.48 13.82 -23.72
C ILE B 512 -9.32 14.95 -23.14
N LYS B 513 -10.25 15.47 -23.94
CA LYS B 513 -11.10 16.56 -23.47
C LYS B 513 -12.03 16.13 -22.35
N ALA B 514 -12.29 14.82 -22.24
CA ALA B 514 -13.20 14.34 -21.20
C ALA B 514 -12.56 14.43 -19.81
N ILE B 515 -11.27 14.11 -19.72
CA ILE B 515 -10.55 14.10 -18.46
C ILE B 515 -9.51 15.22 -18.50
N GLY B 516 -9.65 16.19 -17.60
CA GLY B 516 -8.74 17.32 -17.55
C GLY B 516 -7.39 17.07 -16.93
N TRP B 517 -7.03 15.82 -16.67
CA TRP B 517 -5.76 15.52 -16.04
C TRP B 517 -4.63 15.60 -17.06
N MET B 518 -3.69 16.52 -16.85
CA MET B 518 -2.50 16.68 -17.69
C MET B 518 -2.90 16.88 -19.16
N SER B 519 -3.58 17.99 -19.41
CA SER B 519 -4.09 18.31 -20.73
C SER B 519 -3.76 19.72 -21.18
N SER B 520 -2.73 20.34 -20.61
CA SER B 520 -2.32 21.69 -21.01
C SER B 520 -1.52 21.63 -22.32
N HIS B 521 -0.50 20.78 -22.32
CA HIS B 521 0.41 20.63 -23.44
C HIS B 521 1.30 19.40 -23.26
N THR B 522 2.23 19.18 -24.20
CA THR B 522 3.16 18.05 -24.11
C THR B 522 4.15 18.27 -22.96
N ASP B 523 5.04 17.29 -22.79
CA ASP B 523 5.96 17.26 -21.67
C ASP B 523 6.91 18.46 -21.71
N PHE B 524 7.51 18.76 -20.55
CA PHE B 524 8.44 19.86 -20.38
C PHE B 524 7.77 21.21 -20.70
N GLY B 525 6.61 21.43 -20.09
CA GLY B 525 5.88 22.67 -20.29
C GLY B 525 5.42 23.31 -19.01
N ASN B 526 4.13 23.62 -18.91
CA ASN B 526 3.53 24.19 -17.72
C ASN B 526 2.49 23.21 -17.19
N ILE B 527 2.63 22.83 -15.92
CA ILE B 527 1.71 21.90 -15.27
C ILE B 527 0.87 22.60 -14.21
N ASN B 528 0.91 23.93 -14.14
CA ASN B 528 0.10 24.65 -13.17
C ASN B 528 -1.38 24.59 -13.48
N GLY B 529 -1.74 24.38 -14.74
CA GLY B 529 -3.13 24.25 -15.12
C GLY B 529 -3.57 22.79 -15.18
N CYS B 530 -2.62 21.88 -15.01
CA CYS B 530 -2.91 20.46 -15.04
C CYS B 530 -3.27 19.95 -13.64
N TYR B 531 -3.65 18.68 -13.57
CA TYR B 531 -3.94 17.99 -12.32
C TYR B 531 -3.00 16.79 -12.23
N LEU B 532 -1.80 17.03 -11.70
CA LEU B 532 -0.81 15.95 -11.60
C LEU B 532 -1.03 15.10 -10.35
N ASN B 533 -1.67 15.66 -9.32
CA ASN B 533 -1.95 14.88 -8.12
C ASN B 533 -2.95 13.77 -8.42
N TYR B 534 -3.96 14.05 -9.24
CA TYR B 534 -4.91 13.02 -9.63
C TYR B 534 -4.24 11.94 -10.45
N TYR B 535 -3.29 12.32 -11.31
CA TYR B 535 -2.54 11.33 -12.07
C TYR B 535 -1.68 10.46 -11.16
N PHE B 536 -1.08 11.08 -10.14
CA PHE B 536 -0.29 10.31 -9.17
C PHE B 536 -1.16 9.33 -8.39
N PHE B 537 -2.36 9.77 -8.00
CA PHE B 537 -3.27 8.89 -7.29
C PHE B 537 -3.74 7.74 -8.17
N LEU B 538 -4.01 8.03 -9.45
CA LEU B 538 -4.38 6.96 -10.38
C LEU B 538 -3.24 5.97 -10.56
N LEU B 539 -2.01 6.47 -10.67
CA LEU B 539 -0.86 5.57 -10.78
C LEU B 539 -0.69 4.74 -9.52
N ALA B 540 -0.96 5.32 -8.36
CA ALA B 540 -0.86 4.56 -7.11
C ALA B 540 -1.90 3.46 -7.04
N ALA B 541 -3.15 3.76 -7.43
CA ALA B 541 -4.18 2.75 -7.43
C ALA B 541 -3.86 1.63 -8.42
N ILE B 542 -3.38 1.99 -9.62
CA ILE B 542 -3.00 0.99 -10.61
C ILE B 542 -1.86 0.13 -10.08
N GLN B 543 -0.86 0.75 -9.45
CA GLN B 543 0.26 -0.01 -8.90
C GLN B 543 -0.21 -0.96 -7.82
N GLY B 544 -1.15 -0.53 -6.98
CA GLY B 544 -1.67 -1.43 -5.95
C GLY B 544 -2.43 -2.59 -6.53
N ALA B 545 -3.23 -2.33 -7.58
CA ALA B 545 -3.97 -3.42 -8.23
C ALA B 545 -3.02 -4.44 -8.84
N THR B 546 -2.01 -3.97 -9.59
CA THR B 546 -1.06 -4.90 -10.18
C THR B 546 -0.17 -5.54 -9.13
N LEU B 547 0.00 -4.90 -7.98
CA LEU B 547 0.71 -5.53 -6.88
C LEU B 547 -0.06 -6.71 -6.32
N LEU B 548 -1.38 -6.54 -6.13
CA LEU B 548 -2.22 -7.65 -5.71
C LEU B 548 -2.20 -8.77 -6.75
N LEU B 549 -2.27 -8.40 -8.04
CA LEU B 549 -2.24 -9.41 -9.09
C LEU B 549 -0.91 -10.17 -9.09
N PHE B 550 0.21 -9.45 -8.94
CA PHE B 550 1.51 -10.10 -8.92
C PHE B 550 1.66 -11.01 -7.70
N LEU B 551 1.14 -10.58 -6.55
CA LEU B 551 1.18 -11.43 -5.36
C LEU B 551 0.32 -12.67 -5.55
N ILE B 552 -0.77 -12.55 -6.31
CA ILE B 552 -1.61 -13.71 -6.59
C ILE B 552 -0.88 -14.69 -7.51
N ILE B 553 -0.24 -14.18 -8.57
CA ILE B 553 0.42 -15.06 -9.51
C ILE B 553 1.77 -15.54 -8.98
N SER B 554 2.35 -14.82 -8.00
CA SER B 554 3.63 -15.24 -7.45
C SER B 554 3.51 -16.55 -6.68
N VAL B 555 2.41 -16.75 -5.96
CA VAL B 555 2.22 -17.99 -5.22
C VAL B 555 2.01 -19.15 -6.19
N LYS B 556 1.31 -18.92 -7.30
CA LYS B 556 1.10 -19.96 -8.30
C LYS B 556 2.38 -20.32 -9.04
N TYR B 557 3.42 -19.50 -8.98
CA TYR B 557 4.69 -19.79 -9.61
C TYR B 557 5.71 -20.41 -8.66
N ASP B 558 5.77 -19.94 -7.42
CA ASP B 558 6.69 -20.50 -6.45
C ASP B 558 6.30 -21.91 -6.01
N HIS B 559 5.07 -22.33 -6.28
CA HIS B 559 4.63 -23.69 -5.94
C HIS B 559 5.17 -24.74 -6.91
N HIS B 560 5.84 -24.33 -7.98
CA HIS B 560 6.45 -25.26 -8.92
C HIS B 560 7.97 -25.14 -8.95
N ARG B 561 8.55 -24.39 -8.02
CA ARG B 561 9.99 -24.22 -7.94
C ARG B 561 10.64 -25.34 -7.12
N ASP B 562 10.06 -25.68 -5.97
CA ASP B 562 10.62 -26.72 -5.12
C ASP B 562 9.56 -27.72 -4.65
N HIS B 563 8.31 -27.57 -5.09
CA HIS B 563 7.23 -28.46 -4.69
C HIS B 563 6.82 -29.40 -5.81
N GLN B 564 6.56 -28.88 -7.00
CA GLN B 564 6.18 -29.70 -8.13
C GLN B 564 7.36 -29.90 -9.09
N LYS C . -18.57 -3.81 11.80
CA LYS C . -18.41 -3.26 13.17
C LYS C . -17.82 -4.38 14.04
O LYS C . -18.34 -5.47 13.99
CB LYS C . -19.76 -2.69 13.60
CG LYS C . -20.07 -1.33 13.02
CD LYS C . -20.82 -0.43 13.96
CE LYS C . -20.07 0.86 14.22
NZ LYS C . -19.24 1.25 13.07
N LEU D . -16.76 -4.10 14.80
CA LEU D . -16.06 -5.11 15.62
C LEU D . -17.01 -5.55 16.70
O LEU D . -16.60 -6.13 17.69
CB LEU D . -14.79 -4.49 16.21
CG LEU D . -13.82 -5.42 16.93
CD1 LEU D . -13.35 -4.79 18.23
CD2 LEU D . -12.65 -5.75 16.03
OXT LEU D . -18.18 -5.31 16.52
N LYS E . 18.44 4.24 -11.85
CA LYS E . 18.10 4.33 -13.28
C LYS E . 18.25 2.92 -13.88
O LYS E . 19.27 2.30 -13.63
CB LYS E . 18.97 5.42 -13.92
CG LYS E . 18.49 6.83 -13.65
CD LYS E . 18.70 7.78 -14.79
CE LYS E . 17.40 8.38 -15.28
NZ LYS E . 16.42 8.51 -14.18
N LEU F . 17.24 2.43 -14.61
CA LEU F . 17.23 1.05 -15.16
C LEU F . 18.34 0.97 -16.19
O LEU F . 18.35 0.09 -17.01
CB LEU F . 15.86 0.78 -15.79
CG LEU F . 15.58 -0.65 -16.24
CD1 LEU F . 14.92 -0.64 -17.61
CD2 LEU F . 14.71 -1.35 -15.23
OXT LEU F . 19.19 1.83 -16.12
#